data_8VKN
#
_entry.id   8VKN
#
_cell.length_a   1.00
_cell.length_b   1.00
_cell.length_c   1.00
_cell.angle_alpha   90.00
_cell.angle_beta   90.00
_cell.angle_gamma   90.00
#
_symmetry.space_group_name_H-M   'P 1'
#
loop_
_entity.id
_entity.type
_entity.pdbx_description
1 polymer 'Spike protein S1'
2 polymer 'Angiotensin-converting enzyme 2'
3 branched 2-acetamido-2-deoxy-beta-D-glucopyranose-(1-4)-2-acetamido-2-deoxy-beta-D-glucopyranose
4 branched beta-D-mannopyranose-(1-4)-2-acetamido-2-deoxy-beta-D-glucopyranose-(1-4)-2-acetamido-2-deoxy-beta-D-glucopyranose
5 non-polymer 2-acetamido-2-deoxy-beta-D-glucopyranose
#
loop_
_entity_poly.entity_id
_entity_poly.type
_entity_poly.pdbx_seq_one_letter_code
_entity_poly.pdbx_strand_id
1 'polypeptide(L)'
;PNITNLCPFHEVFNATTFASVYAWNRKRISNCVADYSVIYNFAPFFAFKCYGVSPTKLNDLCFTNVYADSFVIRGNEVSQ
IAPGQTGNIADYNYKLPDDFTGCVIAWNSNKLDSKPSGNYNYLYRLFRKSKLKPFERDISTEIYQAGNKPCNGVAGPNCY
SPLQSYGFRPTYGVGHQPYRVVVLSFELLHAPATVCGPKKS
;
A
2 'polypeptide(L)'
;MSSSSWLLLSLVAVTTAQSLTEENAKTFLNNFNQEAEDLSYQSSLASWNYNTNITEENAQKMSEAAAKWSAFYEEQSKTA
QSFSLQEIQTPIIKRQLQALQQSGSSALSADKNKQLNTILNTMSTIYSTGKVCNPKNPQECLLLEPGLDEIMATSTDYNS
RLWAWEGWRAEVGKQLRPLYEEYVVLKNEMARANNYNDYGDYWRGDYEAEGADGYNYNRNQLIEDVERTFAEIKPLYEHL
HAYVRRKLMDTYPSYISPTGCLPAHLLGDMWGRFWTNLYPLTVPFAQKPNIDVTDAMMNQGWDAERIFQEAEKFFVSVGL
PHMTQGFWANSMLTEPADGRKVVCHPTAWDLGHGDFRIKMCTKVTMDNFLTAHHEMGHIQYDMAYARQPFLLRNGANEGF
HEAVGEIMSLSAATPKHLKSIGLLPSDFQEDSETEINFLLKQALTIVGTLPFTYMLEKWRWMVFRGEIPKEQWMKKWWEM
KREIVGVVEPLPHDETYCDPASLFHVSNDYSFIRYYTRTIYQFQFQEALCQAAKYNGSLHKCDISNSTEAGQKLLKMLSL
GNSEPWTKALENVVGARNMDVKPLLNYFQPLFDWLKEQNRNSFVGWNTEWSPYADHHHHHH
;
D
#
# COMPACT_ATOMS: atom_id res chain seq x y z
N PRO A 1 55.84 -29.07 20.36
CA PRO A 1 55.18 -30.04 21.25
C PRO A 1 53.80 -30.37 20.74
N ASN A 2 53.20 -31.46 21.22
CA ASN A 2 51.91 -31.92 20.71
C ASN A 2 50.84 -30.86 20.93
N ILE A 3 49.90 -30.79 20.00
CA ILE A 3 48.80 -29.83 20.11
C ILE A 3 47.66 -30.49 20.85
N THR A 4 47.34 -29.94 22.02
CA THR A 4 46.23 -30.39 22.87
C THR A 4 45.70 -29.15 23.56
N ASN A 5 44.68 -29.36 24.39
CA ASN A 5 44.00 -28.32 25.16
C ASN A 5 43.57 -27.15 24.28
N LEU A 6 42.82 -27.49 23.24
CA LEU A 6 42.26 -26.46 22.37
C LEU A 6 41.20 -25.66 23.12
N CYS A 7 41.07 -24.39 22.73
CA CYS A 7 40.12 -23.50 23.39
C CYS A 7 38.70 -23.91 23.05
N PRO A 8 37.77 -23.86 24.00
CA PRO A 8 36.41 -24.33 23.73
C PRO A 8 35.58 -23.35 22.91
N PHE A 9 35.87 -23.31 21.61
CA PHE A 9 35.09 -22.50 20.70
C PHE A 9 33.84 -23.22 20.22
N HIS A 10 33.81 -24.55 20.35
CA HIS A 10 32.69 -25.36 19.91
C HIS A 10 31.52 -25.27 20.89
N GLU A 11 31.70 -24.54 21.99
CA GLU A 11 30.72 -24.40 23.04
C GLU A 11 30.16 -22.98 23.08
N VAL A 12 30.73 -22.10 22.27
CA VAL A 12 30.30 -20.72 22.16
C VAL A 12 29.51 -20.52 20.87
N PHE A 13 30.04 -21.01 19.76
CA PHE A 13 29.41 -20.80 18.47
C PHE A 13 28.41 -21.90 18.15
N ASN A 14 28.08 -22.74 19.12
CA ASN A 14 27.22 -23.88 18.89
C ASN A 14 26.57 -24.28 20.19
N ALA A 15 25.83 -23.38 20.79
CA ALA A 15 25.15 -23.65 22.04
C ALA A 15 23.70 -23.91 21.71
N THR A 16 23.02 -24.73 22.52
CA THR A 16 21.62 -24.98 22.22
C THR A 16 20.75 -23.79 22.53
N THR A 17 21.25 -22.84 23.33
CA THR A 17 20.48 -21.72 23.83
C THR A 17 21.42 -20.53 23.93
N PHE A 18 21.09 -19.44 23.27
CA PHE A 18 21.86 -18.23 23.38
C PHE A 18 21.16 -17.32 24.37
N ALA A 19 21.69 -16.12 24.55
CA ALA A 19 21.19 -15.26 25.60
C ALA A 19 20.59 -14.02 24.96
N SER A 20 19.76 -13.34 25.74
CA SER A 20 19.17 -12.10 25.29
C SER A 20 20.25 -11.03 25.27
N VAL A 21 20.07 -10.01 24.42
CA VAL A 21 21.14 -9.03 24.28
C VAL A 21 21.27 -8.19 25.55
N TYR A 22 20.21 -8.10 26.35
CA TYR A 22 20.30 -7.29 27.57
C TYR A 22 21.16 -8.02 28.60
N ALA A 23 20.93 -9.33 28.76
CA ALA A 23 21.73 -10.19 29.62
C ALA A 23 22.66 -11.04 28.78
N TRP A 24 23.57 -10.39 28.06
CA TRP A 24 24.43 -11.07 27.10
C TRP A 24 25.46 -11.94 27.81
N ASN A 25 25.73 -13.12 27.25
CA ASN A 25 26.60 -14.06 27.95
C ASN A 25 28.05 -13.78 27.62
N ARG A 26 28.90 -13.82 28.65
CA ARG A 26 30.33 -13.61 28.50
C ARG A 26 31.07 -14.85 28.98
N LYS A 27 31.93 -15.39 28.14
CA LYS A 27 32.81 -16.48 28.54
C LYS A 27 34.24 -16.03 28.44
N ARG A 28 35.00 -16.19 29.53
CA ARG A 28 36.42 -15.88 29.47
C ARG A 28 37.17 -17.10 28.97
N ILE A 29 38.13 -16.87 28.09
CA ILE A 29 38.92 -17.92 27.48
C ILE A 29 40.38 -17.64 27.80
N SER A 30 41.02 -18.59 28.47
CA SER A 30 42.39 -18.48 28.91
C SER A 30 42.99 -19.87 29.01
N ASN A 31 44.33 -19.91 29.06
CA ASN A 31 45.18 -21.11 29.23
C ASN A 31 44.82 -22.25 28.26
N CYS A 32 44.68 -21.92 26.98
CA CYS A 32 44.42 -22.93 25.97
C CYS A 32 44.94 -22.46 24.62
N VAL A 33 44.94 -23.36 23.66
CA VAL A 33 45.40 -23.06 22.31
C VAL A 33 44.21 -22.60 21.49
N ALA A 34 44.37 -21.47 20.79
CA ALA A 34 43.27 -20.86 20.05
C ALA A 34 43.28 -21.33 18.59
N ASP A 35 42.46 -22.34 18.28
CA ASP A 35 42.28 -22.80 16.90
C ASP A 35 41.10 -22.08 16.25
N TYR A 36 41.32 -20.84 15.80
CA TYR A 36 40.28 -20.06 15.12
C TYR A 36 39.73 -20.68 13.82
N SER A 37 40.34 -21.76 13.31
CA SER A 37 39.88 -22.35 12.05
C SER A 37 38.52 -23.01 12.23
N VAL A 38 38.23 -23.49 13.45
CA VAL A 38 36.91 -24.04 13.74
C VAL A 38 35.86 -22.93 13.67
N ILE A 39 36.18 -21.74 14.22
CA ILE A 39 35.31 -20.57 14.10
C ILE A 39 35.02 -20.28 12.64
N TYR A 40 36.08 -20.32 11.81
CA TYR A 40 35.95 -20.04 10.38
C TYR A 40 34.97 -21.00 9.71
N ASN A 41 35.09 -22.29 10.01
CA ASN A 41 34.26 -23.28 9.32
C ASN A 41 33.04 -23.70 10.13
N PHE A 42 32.35 -22.77 10.78
CA PHE A 42 31.28 -23.14 11.69
C PHE A 42 29.89 -22.82 11.18
N ALA A 43 29.76 -21.97 10.13
CA ALA A 43 28.54 -21.54 9.45
C ALA A 43 28.89 -20.49 8.39
N PRO A 44 27.99 -20.15 7.45
CA PRO A 44 28.24 -19.00 6.58
C PRO A 44 27.92 -17.74 7.38
N PHE A 45 28.84 -16.78 7.39
CA PHE A 45 28.71 -15.62 8.26
C PHE A 45 28.27 -14.39 7.50
N PHE A 46 27.24 -13.72 8.04
CA PHE A 46 26.74 -12.46 7.53
C PHE A 46 27.74 -11.32 7.74
N ALA A 47 28.63 -11.45 8.73
CA ALA A 47 29.65 -10.44 8.98
C ALA A 47 30.76 -11.08 9.82
N PHE A 48 32.01 -10.87 9.41
CA PHE A 48 33.16 -11.30 10.18
C PHE A 48 34.07 -10.09 10.39
N LYS A 49 33.47 -8.92 10.57
CA LYS A 49 34.23 -7.68 10.72
C LYS A 49 35.18 -7.78 11.90
N CYS A 50 36.46 -7.53 11.66
CA CYS A 50 37.47 -7.53 12.72
C CYS A 50 38.03 -6.13 12.90
N TYR A 51 37.93 -5.61 14.11
CA TYR A 51 38.32 -4.24 14.43
C TYR A 51 39.61 -4.28 15.24
N GLY A 52 40.74 -4.03 14.60
CA GLY A 52 42.00 -3.89 15.29
C GLY A 52 43.00 -4.98 15.02
N VAL A 53 42.55 -6.12 14.49
CA VAL A 53 43.43 -7.20 14.07
C VAL A 53 42.93 -7.73 12.73
N SER A 54 43.84 -8.32 11.98
CA SER A 54 43.49 -8.88 10.68
C SER A 54 43.00 -10.31 10.85
N PRO A 55 42.01 -10.73 10.05
CA PRO A 55 41.43 -12.08 10.21
C PRO A 55 42.41 -13.24 10.10
N THR A 56 43.54 -13.08 9.39
CA THR A 56 44.45 -14.19 9.17
C THR A 56 45.46 -14.34 10.30
N LYS A 57 46.15 -13.25 10.65
CA LYS A 57 47.21 -13.20 11.66
C LYS A 57 46.83 -13.77 13.03
N LEU A 58 45.53 -13.94 13.31
CA LEU A 58 44.99 -14.38 14.60
C LEU A 58 45.74 -15.58 15.18
N ASN A 59 45.84 -16.66 14.41
CA ASN A 59 46.50 -17.88 14.88
C ASN A 59 47.95 -17.64 15.30
N ASP A 60 48.65 -16.74 14.62
CA ASP A 60 50.07 -16.53 14.93
C ASP A 60 50.26 -15.45 16.00
N LEU A 61 49.18 -14.88 16.53
CA LEU A 61 49.25 -13.89 17.60
C LEU A 61 48.94 -14.59 18.91
N CYS A 62 49.49 -14.07 20.00
CA CYS A 62 49.20 -14.65 21.31
C CYS A 62 48.73 -13.56 22.27
N PHE A 63 47.49 -13.69 22.73
CA PHE A 63 46.83 -12.73 23.61
C PHE A 63 46.73 -13.26 25.02
N THR A 64 46.49 -12.36 25.97
CA THR A 64 46.41 -12.76 27.37
C THR A 64 45.02 -13.32 27.70
N ASN A 65 43.96 -12.59 27.39
CA ASN A 65 42.61 -13.10 27.60
C ASN A 65 41.75 -12.90 26.36
N VAL A 66 40.85 -13.84 26.11
CA VAL A 66 39.90 -13.70 25.00
C VAL A 66 38.50 -13.80 25.60
N TYR A 67 37.69 -12.77 25.41
CA TYR A 67 36.32 -12.78 25.88
C TYR A 67 35.38 -13.07 24.72
N ALA A 68 34.53 -14.07 24.87
CA ALA A 68 33.53 -14.40 23.87
C ALA A 68 32.16 -14.01 24.41
N ASP A 69 31.56 -12.97 23.83
CA ASP A 69 30.25 -12.49 24.22
C ASP A 69 29.22 -12.96 23.21
N SER A 70 28.19 -13.65 23.67
CA SER A 70 27.21 -14.27 22.80
C SER A 70 25.82 -13.74 23.13
N PHE A 71 25.07 -13.40 22.09
CA PHE A 71 23.70 -12.90 22.24
C PHE A 71 22.98 -13.06 20.91
N VAL A 72 21.69 -12.77 20.92
CA VAL A 72 20.84 -12.82 19.73
C VAL A 72 20.19 -11.46 19.54
N ILE A 73 20.34 -10.89 18.35
CA ILE A 73 19.70 -9.63 17.99
C ILE A 73 18.98 -9.84 16.66
N ARG A 74 18.39 -8.78 16.16
CA ARG A 74 17.68 -8.82 14.89
C ARG A 74 18.67 -8.34 13.85
N GLY A 75 18.51 -8.79 12.60
CA GLY A 75 19.50 -8.54 11.56
C GLY A 75 19.83 -7.08 11.34
N ASN A 76 18.82 -6.20 11.44
CA ASN A 76 18.99 -4.77 11.20
C ASN A 76 19.95 -4.14 12.19
N GLU A 77 20.12 -4.77 13.35
CA GLU A 77 20.93 -4.23 14.43
C GLU A 77 22.33 -4.77 14.43
N VAL A 78 22.71 -5.59 13.43
CA VAL A 78 24.04 -6.20 13.45
C VAL A 78 25.08 -5.11 13.17
N SER A 79 24.67 -4.05 12.49
CA SER A 79 25.55 -2.93 12.18
C SER A 79 25.87 -2.14 13.43
N GLN A 80 25.04 -2.28 14.48
CA GLN A 80 25.22 -1.54 15.72
C GLN A 80 26.28 -2.16 16.60
N ILE A 81 26.64 -3.41 16.37
CA ILE A 81 27.71 -4.07 17.14
C ILE A 81 29.01 -3.71 16.44
N ALA A 82 29.46 -2.48 16.68
CA ALA A 82 30.69 -1.93 16.15
C ALA A 82 31.06 -0.73 17.02
N PRO A 83 32.34 -0.35 17.06
CA PRO A 83 32.72 0.84 17.84
C PRO A 83 32.12 2.11 17.25
N GLY A 84 31.64 2.98 18.14
CA GLY A 84 31.18 4.29 17.71
C GLY A 84 29.76 4.35 17.19
N GLN A 85 28.94 3.35 17.48
CA GLN A 85 27.62 3.25 16.91
C GLN A 85 26.55 3.58 17.95
N THR A 86 25.36 3.90 17.45
CA THR A 86 24.23 4.27 18.29
C THR A 86 23.00 3.50 17.85
N GLY A 87 22.05 3.39 18.75
CA GLY A 87 20.85 2.63 18.52
C GLY A 87 20.32 2.17 19.86
N ASN A 88 19.34 1.27 19.82
CA ASN A 88 18.87 0.74 21.08
C ASN A 88 19.87 -0.26 21.65
N ILE A 89 20.45 -1.08 20.77
CA ILE A 89 21.36 -2.14 21.20
C ILE A 89 22.68 -1.56 21.68
N ALA A 90 23.21 -0.58 20.95
CA ALA A 90 24.51 -0.03 21.31
C ALA A 90 24.42 0.81 22.57
N ASP A 91 23.32 1.56 22.72
CA ASP A 91 23.23 2.48 23.85
C ASP A 91 22.73 1.79 25.12
N TYR A 92 21.81 0.84 25.01
CA TYR A 92 21.18 0.30 26.20
C TYR A 92 21.40 -1.20 26.42
N ASN A 93 22.03 -1.92 25.49
CA ASN A 93 22.13 -3.36 25.60
C ASN A 93 23.57 -3.86 25.56
N TYR A 94 24.33 -3.49 24.54
CA TYR A 94 25.70 -3.97 24.39
C TYR A 94 26.52 -2.89 23.71
N LYS A 95 27.53 -2.38 24.41
CA LYS A 95 28.39 -1.33 23.90
C LYS A 95 29.83 -1.80 23.77
N LEU A 96 30.45 -1.52 22.63
CA LEU A 96 31.86 -1.79 22.38
C LEU A 96 32.65 -0.48 22.51
N PRO A 97 33.84 -0.51 23.09
CA PRO A 97 34.62 0.73 23.24
C PRO A 97 35.18 1.18 21.91
N ASP A 98 35.65 2.43 21.87
CA ASP A 98 36.16 2.97 20.62
C ASP A 98 37.54 2.40 20.28
N ASP A 99 38.23 1.82 21.25
CA ASP A 99 39.52 1.20 21.00
C ASP A 99 39.40 -0.32 21.11
N PHE A 100 38.35 -0.86 20.50
CA PHE A 100 38.03 -2.27 20.65
C PHE A 100 38.96 -3.06 19.74
N THR A 101 39.64 -4.06 20.32
CA THR A 101 40.49 -4.97 19.57
C THR A 101 39.83 -6.34 19.58
N GLY A 102 39.29 -6.74 18.43
CA GLY A 102 38.61 -8.01 18.35
C GLY A 102 37.78 -8.09 17.08
N CYS A 103 36.90 -9.07 17.05
CA CYS A 103 36.09 -9.36 15.88
C CYS A 103 34.64 -9.53 16.30
N VAL A 104 33.71 -9.18 15.40
CA VAL A 104 32.30 -9.44 15.60
C VAL A 104 31.86 -10.42 14.52
N ILE A 105 31.19 -11.50 14.94
CA ILE A 105 30.74 -12.55 14.04
C ILE A 105 29.24 -12.70 14.21
N ALA A 106 28.52 -12.69 13.10
CA ALA A 106 27.07 -12.83 13.16
C ALA A 106 26.58 -13.78 12.07
N TRP A 107 25.58 -14.58 12.40
CA TRP A 107 24.99 -15.45 11.40
C TRP A 107 23.50 -15.59 11.65
N ASN A 108 22.77 -15.91 10.57
CA ASN A 108 21.32 -16.10 10.64
C ASN A 108 20.99 -17.35 11.46
N SER A 109 19.94 -17.24 12.27
CA SER A 109 19.49 -18.34 13.12
C SER A 109 17.98 -18.51 13.06
N ASN A 110 17.40 -18.56 11.85
CA ASN A 110 15.98 -18.83 11.72
C ASN A 110 15.62 -20.24 12.16
N LYS A 111 16.45 -21.22 11.79
CA LYS A 111 16.09 -22.61 12.08
C LYS A 111 16.16 -22.93 13.56
N LEU A 112 16.78 -22.09 14.38
CA LEU A 112 16.98 -22.37 15.78
C LEU A 112 16.23 -21.43 16.70
N ASP A 113 15.99 -20.19 16.27
CA ASP A 113 15.43 -19.19 17.16
C ASP A 113 14.10 -18.62 16.71
N SER A 114 13.54 -19.10 15.62
CA SER A 114 12.24 -18.62 15.14
C SER A 114 11.19 -19.68 15.41
N LYS A 115 10.04 -19.25 15.88
CA LYS A 115 8.89 -20.12 16.06
C LYS A 115 7.71 -19.48 15.34
N PRO A 116 6.70 -20.27 14.89
CA PRO A 116 5.62 -19.64 14.12
C PRO A 116 4.62 -18.88 15.00
N SER A 117 4.40 -19.34 16.22
CA SER A 117 3.56 -18.67 17.20
C SER A 117 4.28 -17.44 17.75
N GLY A 118 5.60 -17.39 17.59
CA GLY A 118 6.44 -16.31 18.06
C GLY A 118 7.35 -16.70 19.22
N ASN A 119 8.65 -16.48 19.02
CA ASN A 119 9.67 -16.72 20.03
C ASN A 119 9.75 -15.49 20.90
N TYR A 120 9.20 -15.58 22.11
CA TYR A 120 9.14 -14.45 23.03
C TYR A 120 10.15 -14.58 24.16
N ASN A 121 11.23 -15.31 23.92
CA ASN A 121 12.24 -15.55 24.94
C ASN A 121 13.53 -14.77 24.69
N TYR A 122 13.56 -13.97 23.64
CA TYR A 122 14.69 -13.08 23.35
C TYR A 122 14.22 -11.66 23.62
N LEU A 123 14.88 -11.00 24.57
CA LEU A 123 14.44 -9.70 25.02
C LEU A 123 15.55 -8.68 24.78
N TYR A 124 15.16 -7.41 24.76
CA TYR A 124 16.12 -6.32 24.57
C TYR A 124 15.66 -5.17 25.45
N ARG A 125 16.60 -4.34 25.86
CA ARG A 125 16.26 -3.18 26.66
C ARG A 125 16.00 -1.99 25.75
N LEU A 126 14.78 -1.45 25.83
CA LEU A 126 14.38 -0.36 24.96
C LEU A 126 14.52 1.00 25.64
N PHE A 127 14.40 1.03 26.96
CA PHE A 127 14.36 2.26 27.73
C PHE A 127 15.38 2.17 28.84
N ARG A 128 16.30 3.13 28.89
CA ARG A 128 17.24 3.19 29.99
C ARG A 128 17.53 4.66 30.26
N LYS A 129 17.75 4.99 31.54
CA LYS A 129 17.97 6.37 31.94
C LYS A 129 19.23 6.95 31.30
N SER A 130 20.31 6.19 31.27
CA SER A 130 21.56 6.64 30.69
C SER A 130 22.10 5.55 29.77
N LYS A 131 22.97 5.96 28.85
CA LYS A 131 23.57 5.02 27.93
C LYS A 131 24.54 4.09 28.66
N LEU A 132 24.78 2.94 28.06
CA LEU A 132 25.65 1.96 28.69
C LEU A 132 27.11 2.28 28.41
N LYS A 133 27.95 1.97 29.38
CA LYS A 133 29.38 2.09 29.19
C LYS A 133 29.86 0.84 28.47
N PRO A 134 31.05 0.86 27.86
CA PRO A 134 31.52 -0.34 27.15
C PRO A 134 31.68 -1.55 28.05
N PHE A 135 31.26 -2.71 27.52
CA PHE A 135 31.28 -4.01 28.21
C PHE A 135 30.54 -3.97 29.55
N GLU A 136 29.42 -3.27 29.58
CA GLU A 136 28.54 -3.24 30.74
C GLU A 136 27.25 -3.99 30.42
N ARG A 137 26.66 -4.58 31.46
CA ARG A 137 25.38 -5.27 31.33
C ARG A 137 24.44 -4.75 32.41
N ASP A 138 23.18 -4.51 32.04
CA ASP A 138 22.17 -4.17 33.01
C ASP A 138 21.11 -5.27 32.97
N ILE A 139 20.89 -5.95 34.09
CA ILE A 139 19.84 -6.96 34.16
C ILE A 139 18.60 -6.45 34.89
N SER A 140 18.58 -5.19 35.29
CA SER A 140 17.48 -4.63 36.06
C SER A 140 16.18 -4.62 35.26
N THR A 141 15.08 -4.92 35.92
CA THR A 141 13.77 -4.87 35.29
C THR A 141 12.92 -3.73 35.84
N GLU A 142 13.53 -2.81 36.59
CA GLU A 142 12.88 -1.64 37.17
C GLU A 142 12.06 -0.88 36.12
N ILE A 143 10.85 -0.48 36.49
CA ILE A 143 9.94 0.23 35.59
C ILE A 143 10.53 1.58 35.21
N TYR A 144 10.70 1.82 33.91
CA TYR A 144 11.30 3.05 33.41
C TYR A 144 10.36 4.22 33.63
N GLN A 145 10.80 5.19 34.42
CA GLN A 145 9.97 6.33 34.76
C GLN A 145 10.29 7.42 33.74
N ALA A 146 9.41 7.59 32.77
CA ALA A 146 9.65 8.51 31.68
C ALA A 146 9.08 9.90 31.91
N GLY A 147 8.30 10.09 32.96
CA GLY A 147 7.63 11.35 33.19
C GLY A 147 8.13 12.00 34.47
N ASN A 148 7.23 12.64 35.21
CA ASN A 148 7.59 13.30 36.45
C ASN A 148 7.02 12.58 37.66
N LYS A 149 5.89 11.91 37.51
CA LYS A 149 5.26 11.21 38.61
C LYS A 149 6.02 9.92 38.90
N PRO A 150 6.15 9.51 40.16
CA PRO A 150 6.79 8.23 40.44
C PRO A 150 5.91 7.08 39.95
N CYS A 151 6.57 6.01 39.50
CA CYS A 151 5.82 4.90 38.94
C CYS A 151 5.15 4.05 40.01
N ASN A 152 5.85 3.80 41.13
CA ASN A 152 5.44 3.04 42.32
C ASN A 152 5.51 1.55 42.06
N GLY A 153 6.21 1.15 41.00
CA GLY A 153 6.46 -0.22 40.67
C GLY A 153 5.46 -0.81 39.69
N VAL A 154 4.23 -0.32 39.69
CA VAL A 154 3.18 -0.85 38.82
C VAL A 154 3.27 -0.14 37.48
N ALA A 155 3.17 -0.91 36.40
CA ALA A 155 3.16 -0.31 35.06
C ALA A 155 1.87 0.48 34.85
N GLY A 156 2.00 1.64 34.23
CA GLY A 156 0.89 2.55 34.06
C GLY A 156 1.30 3.76 33.24
N PRO A 157 0.42 4.80 33.18
CA PRO A 157 0.67 6.00 32.35
C PRO A 157 2.06 6.58 32.54
N ASN A 158 2.85 6.63 31.45
CA ASN A 158 4.17 7.24 31.38
C ASN A 158 5.21 6.40 32.12
N CYS A 159 4.87 5.14 32.39
CA CYS A 159 5.71 4.17 33.08
C CYS A 159 5.72 2.91 32.25
N TYR A 160 6.86 2.60 31.64
CA TYR A 160 6.96 1.51 30.68
C TYR A 160 8.00 0.51 31.15
N SER A 161 7.67 -0.78 31.02
CA SER A 161 8.61 -1.83 31.38
C SER A 161 9.74 -1.82 30.36
N PRO A 162 11.01 -1.78 30.80
CA PRO A 162 12.09 -1.51 29.85
C PRO A 162 12.42 -2.67 28.92
N LEU A 163 12.11 -3.91 29.26
CA LEU A 163 12.50 -5.05 28.45
C LEU A 163 11.39 -5.42 27.48
N GLN A 164 11.64 -5.27 26.20
CA GLN A 164 10.68 -5.63 25.17
C GLN A 164 11.10 -6.95 24.55
N SER A 165 10.14 -7.60 23.89
CA SER A 165 10.37 -8.93 23.37
C SER A 165 10.57 -8.90 21.87
N TYR A 166 11.49 -9.75 21.40
CA TYR A 166 11.84 -9.85 19.99
C TYR A 166 10.97 -10.96 19.43
N GLY A 167 9.78 -10.63 18.95
CA GLY A 167 8.88 -11.71 18.60
C GLY A 167 9.22 -12.36 17.28
N PHE A 168 10.23 -13.24 17.29
CA PHE A 168 10.76 -13.80 16.07
C PHE A 168 9.82 -14.83 15.45
N ARG A 169 9.64 -14.75 14.13
CA ARG A 169 8.79 -15.63 13.36
C ARG A 169 9.50 -15.98 12.07
N PRO A 170 9.30 -17.20 11.54
CA PRO A 170 10.10 -17.66 10.39
C PRO A 170 9.82 -16.90 9.10
N THR A 171 8.71 -16.18 9.01
CA THR A 171 8.29 -15.53 7.78
C THR A 171 8.67 -14.07 7.74
N TYR A 172 9.51 -13.63 8.68
CA TYR A 172 9.94 -12.25 8.73
C TYR A 172 10.93 -11.96 7.61
N GLY A 173 11.20 -10.68 7.41
CA GLY A 173 12.11 -10.30 6.36
C GLY A 173 13.51 -10.38 6.89
N VAL A 174 14.49 -10.47 5.98
CA VAL A 174 15.90 -10.75 6.31
C VAL A 174 16.46 -9.79 7.36
N GLY A 175 15.97 -8.56 7.41
CA GLY A 175 16.49 -7.62 8.38
C GLY A 175 15.90 -7.78 9.76
N HIS A 176 14.89 -8.64 9.91
CA HIS A 176 14.21 -8.82 11.18
C HIS A 176 14.34 -10.23 11.73
N GLN A 177 15.01 -11.11 11.03
CA GLN A 177 15.20 -12.49 11.44
C GLN A 177 16.24 -12.53 12.57
N PRO A 178 16.17 -13.51 13.47
CA PRO A 178 17.16 -13.58 14.54
C PRO A 178 18.54 -13.88 14.01
N TYR A 179 19.52 -13.16 14.52
CA TYR A 179 20.92 -13.33 14.17
C TYR A 179 21.69 -13.57 15.45
N ARG A 180 22.49 -14.63 15.48
CA ARG A 180 23.33 -14.93 16.62
C ARG A 180 24.67 -14.24 16.43
N VAL A 181 25.11 -13.51 17.46
CA VAL A 181 26.32 -12.70 17.40
C VAL A 181 27.26 -13.15 18.50
N VAL A 182 28.50 -13.44 18.12
CA VAL A 182 29.60 -13.71 19.04
C VAL A 182 30.65 -12.63 18.81
N VAL A 183 30.99 -11.92 19.88
CA VAL A 183 31.99 -10.87 19.86
C VAL A 183 33.22 -11.40 20.57
N LEU A 184 34.33 -11.48 19.86
CA LEU A 184 35.60 -11.91 20.43
C LEU A 184 36.40 -10.66 20.74
N SER A 185 36.72 -10.46 22.00
CA SER A 185 37.49 -9.31 22.46
C SER A 185 38.83 -9.82 22.97
N PHE A 186 39.91 -9.36 22.38
CA PHE A 186 41.23 -9.84 22.73
C PHE A 186 41.89 -8.77 23.59
N GLU A 187 42.39 -9.16 24.76
CA GLU A 187 43.09 -8.20 25.59
C GLU A 187 44.47 -8.71 25.98
N LEU A 188 45.41 -7.77 25.97
CA LEU A 188 46.78 -7.99 26.43
C LEU A 188 46.98 -7.19 27.71
N LEU A 189 47.56 -7.82 28.72
CA LEU A 189 47.90 -7.12 29.95
C LEU A 189 49.39 -7.26 30.21
N HIS A 190 49.82 -6.88 31.42
CA HIS A 190 51.21 -7.07 31.78
C HIS A 190 51.53 -8.53 32.08
N ALA A 191 50.50 -9.36 32.24
CA ALA A 191 50.66 -10.75 32.59
C ALA A 191 51.20 -11.51 31.38
N PRO A 192 51.83 -12.68 31.59
CA PRO A 192 52.26 -13.48 30.44
C PRO A 192 51.06 -13.93 29.62
N ALA A 193 51.13 -13.67 28.32
CA ALA A 193 50.09 -14.08 27.39
C ALA A 193 50.01 -15.60 27.30
N THR A 194 48.84 -16.15 27.64
CA THR A 194 48.64 -17.59 27.69
C THR A 194 47.61 -18.11 26.70
N VAL A 195 47.19 -17.30 25.73
CA VAL A 195 46.27 -17.77 24.68
C VAL A 195 46.97 -17.50 23.36
N CYS A 196 47.63 -18.53 22.82
CA CYS A 196 48.29 -18.41 21.53
C CYS A 196 47.79 -19.55 20.64
N GLY A 197 48.21 -19.54 19.39
CA GLY A 197 47.69 -20.51 18.44
C GLY A 197 48.47 -21.81 18.42
N PRO A 198 48.21 -22.63 17.41
CA PRO A 198 48.97 -23.87 17.25
C PRO A 198 50.31 -23.66 16.58
N LYS A 199 51.21 -24.61 16.85
CA LYS A 199 52.54 -24.65 16.29
C LYS A 199 52.67 -25.95 15.48
N LYS A 200 53.52 -25.95 14.46
CA LYS A 200 53.70 -27.13 13.62
C LYS A 200 55.19 -27.41 13.44
N SER A 201 55.48 -28.57 12.87
CA SER A 201 56.84 -28.94 12.47
C SER A 201 56.83 -29.85 11.26
N LEU B 20 8.68 16.71 30.00
CA LEU B 20 8.06 17.58 29.01
C LEU B 20 7.15 16.70 28.15
N THR B 21 6.12 17.31 27.57
CA THR B 21 5.10 16.55 26.84
C THR B 21 5.67 15.90 25.58
N GLU B 22 6.61 16.56 24.91
CA GLU B 22 7.18 16.02 23.68
C GLU B 22 8.06 14.81 23.96
N GLU B 23 8.86 14.85 25.03
CA GLU B 23 9.68 13.69 25.39
C GLU B 23 8.81 12.52 25.84
N ASN B 24 7.70 12.82 26.51
CA ASN B 24 6.76 11.77 26.91
C ASN B 24 6.11 11.14 25.68
N ALA B 25 5.79 11.96 24.68
CA ALA B 25 5.23 11.44 23.45
C ALA B 25 6.24 10.62 22.66
N LYS B 26 7.51 11.02 22.67
CA LYS B 26 8.56 10.25 22.03
C LYS B 26 8.72 8.87 22.67
N THR B 27 8.73 8.83 24.01
CA THR B 27 8.85 7.54 24.69
C THR B 27 7.58 6.71 24.51
N PHE B 28 6.42 7.35 24.45
CA PHE B 28 5.16 6.65 24.21
C PHE B 28 5.13 6.01 22.84
N LEU B 29 5.61 6.73 21.82
CA LEU B 29 5.66 6.18 20.47
C LEU B 29 6.69 5.06 20.37
N ASN B 30 7.81 5.19 21.09
CA ASN B 30 8.80 4.11 21.10
C ASN B 30 8.24 2.86 21.76
N ASN B 31 7.46 3.04 22.83
CA ASN B 31 6.82 1.92 23.52
C ASN B 31 5.73 1.32 22.63
N PHE B 32 5.10 2.15 21.81
CA PHE B 32 3.94 1.75 21.02
C PHE B 32 4.35 0.95 19.79
N ASN B 33 5.40 1.42 19.08
CA ASN B 33 5.80 0.81 17.81
C ASN B 33 6.14 -0.68 17.95
N GLN B 34 6.83 -1.06 19.03
CA GLN B 34 7.25 -2.46 19.21
C GLN B 34 6.06 -3.38 19.40
N GLU B 35 5.07 -2.96 20.19
CA GLU B 35 3.90 -3.78 20.45
C GLU B 35 3.00 -3.78 19.23
N ALA B 36 2.91 -2.63 18.56
CA ALA B 36 2.02 -2.45 17.42
C ALA B 36 2.47 -3.34 16.28
N GLU B 37 3.73 -3.21 15.87
CA GLU B 37 4.30 -3.98 14.75
C GLU B 37 4.00 -5.47 14.90
N ASP B 38 4.13 -5.98 16.13
CA ASP B 38 3.90 -7.40 16.42
C ASP B 38 2.43 -7.77 16.28
N LEU B 39 1.53 -6.96 16.87
CA LEU B 39 0.11 -7.29 16.78
C LEU B 39 -0.42 -7.09 15.37
N SER B 40 0.09 -6.09 14.67
CA SER B 40 -0.29 -5.86 13.29
C SER B 40 0.21 -6.97 12.40
N TYR B 41 1.39 -7.52 12.70
CA TYR B 41 1.87 -8.66 11.93
C TYR B 41 1.02 -9.89 12.19
N GLN B 42 0.61 -10.12 13.45
CA GLN B 42 -0.27 -11.25 13.74
C GLN B 42 -1.61 -11.11 13.02
N SER B 43 -2.15 -9.88 13.00
CA SER B 43 -3.43 -9.63 12.33
C SER B 43 -3.31 -9.82 10.82
N SER B 44 -2.24 -9.30 10.23
CA SER B 44 -2.04 -9.41 8.79
C SER B 44 -1.77 -10.84 8.38
N LEU B 45 -1.02 -11.59 9.19
CA LEU B 45 -0.75 -12.99 8.89
C LEU B 45 -2.02 -13.82 9.00
N ALA B 46 -2.87 -13.54 9.99
CA ALA B 46 -4.14 -14.24 10.09
C ALA B 46 -5.05 -13.90 8.91
N SER B 47 -5.02 -12.64 8.47
CA SER B 47 -5.81 -12.23 7.31
C SER B 47 -5.30 -12.90 6.04
N TRP B 48 -3.98 -13.08 5.93
CA TRP B 48 -3.41 -13.78 4.79
C TRP B 48 -3.81 -15.24 4.82
N ASN B 49 -3.77 -15.87 5.99
CA ASN B 49 -4.10 -17.28 6.12
C ASN B 49 -5.57 -17.53 5.87
N TYR B 50 -6.43 -16.54 6.14
CA TYR B 50 -7.82 -16.68 5.75
C TYR B 50 -8.01 -16.43 4.26
N ASN B 51 -7.35 -15.41 3.70
CA ASN B 51 -7.59 -15.03 2.31
C ASN B 51 -7.07 -16.05 1.33
N THR B 52 -6.15 -16.91 1.75
CA THR B 52 -5.51 -17.88 0.86
C THR B 52 -5.80 -19.31 1.29
N ASN B 53 -6.74 -19.52 2.23
CA ASN B 53 -7.14 -20.84 2.67
C ASN B 53 -8.49 -20.68 3.36
N ILE B 54 -9.47 -20.12 2.66
CA ILE B 54 -10.80 -19.81 3.19
C ILE B 54 -11.48 -21.00 3.88
N THR B 55 -11.70 -20.87 5.19
CA THR B 55 -12.39 -21.87 6.00
C THR B 55 -13.02 -21.14 7.18
N GLU B 56 -13.64 -21.90 8.08
CA GLU B 56 -14.21 -21.28 9.28
C GLU B 56 -13.16 -21.05 10.37
N GLU B 57 -12.21 -21.97 10.55
CA GLU B 57 -11.22 -21.81 11.61
C GLU B 57 -10.26 -20.67 11.30
N ASN B 58 -9.91 -20.48 10.03
CA ASN B 58 -9.03 -19.37 9.68
C ASN B 58 -9.77 -18.05 9.77
N ALA B 59 -11.10 -18.10 9.60
CA ALA B 59 -11.92 -16.91 9.78
C ALA B 59 -12.00 -16.53 11.24
N GLN B 60 -12.17 -17.51 12.14
CA GLN B 60 -12.27 -17.14 13.55
C GLN B 60 -10.90 -16.72 14.08
N LYS B 61 -9.81 -17.33 13.58
CA LYS B 61 -8.47 -16.90 13.96
C LYS B 61 -8.22 -15.47 13.51
N MET B 62 -8.67 -15.14 12.29
CA MET B 62 -8.56 -13.77 11.79
C MET B 62 -9.38 -12.82 12.66
N SER B 63 -10.55 -13.29 13.12
CA SER B 63 -11.42 -12.47 13.96
C SER B 63 -10.75 -12.15 15.28
N GLU B 64 -10.15 -13.15 15.95
CA GLU B 64 -9.51 -12.86 17.23
C GLU B 64 -8.25 -12.01 17.06
N ALA B 65 -7.50 -12.22 15.96
CA ALA B 65 -6.30 -11.42 15.73
C ALA B 65 -6.66 -9.96 15.49
N ALA B 66 -7.68 -9.71 14.67
CA ALA B 66 -8.14 -8.35 14.42
C ALA B 66 -8.78 -7.75 15.65
N ALA B 67 -9.44 -8.57 16.49
CA ALA B 67 -10.03 -8.08 17.73
C ALA B 67 -8.96 -7.61 18.69
N LYS B 68 -7.89 -8.40 18.85
CA LYS B 68 -6.79 -8.01 19.75
C LYS B 68 -6.09 -6.78 19.22
N TRP B 69 -5.87 -6.70 17.91
CA TRP B 69 -5.18 -5.54 17.33
C TRP B 69 -6.04 -4.28 17.47
N SER B 70 -7.34 -4.38 17.23
CA SER B 70 -8.24 -3.23 17.35
C SER B 70 -8.37 -2.79 18.80
N ALA B 71 -8.46 -3.75 19.73
CA ALA B 71 -8.54 -3.41 21.15
C ALA B 71 -7.28 -2.70 21.62
N PHE B 72 -6.11 -3.19 21.17
CA PHE B 72 -4.84 -2.57 21.53
C PHE B 72 -4.76 -1.18 20.92
N TYR B 73 -5.23 -1.02 19.68
CA TYR B 73 -5.14 0.26 19.00
C TYR B 73 -6.03 1.30 19.68
N GLU B 74 -7.25 0.91 20.08
CA GLU B 74 -8.12 1.85 20.79
C GLU B 74 -7.57 2.16 22.19
N GLU B 75 -6.97 1.17 22.85
CA GLU B 75 -6.38 1.41 24.17
C GLU B 75 -5.21 2.38 24.09
N GLN B 76 -4.40 2.26 23.05
CA GLN B 76 -3.29 3.20 22.87
C GLN B 76 -3.77 4.55 22.38
N SER B 77 -4.85 4.58 21.59
CA SER B 77 -5.40 5.84 21.11
C SER B 77 -5.99 6.68 22.24
N LYS B 78 -6.57 6.03 23.25
CA LYS B 78 -7.10 6.79 24.38
C LYS B 78 -5.98 7.44 25.18
N THR B 79 -4.85 6.75 25.36
CA THR B 79 -3.72 7.37 26.03
C THR B 79 -3.08 8.43 25.15
N ALA B 80 -3.07 8.22 23.83
CA ALA B 80 -2.46 9.17 22.92
C ALA B 80 -3.26 10.47 22.82
N GLN B 81 -4.56 10.41 23.08
CA GLN B 81 -5.37 11.63 23.03
C GLN B 81 -5.12 12.54 24.21
N SER B 82 -4.45 12.04 25.27
CA SER B 82 -4.13 12.88 26.42
C SER B 82 -3.06 13.90 26.08
N PHE B 83 -2.21 13.62 25.09
CA PHE B 83 -1.20 14.57 24.69
C PHE B 83 -1.86 15.72 23.92
N SER B 84 -1.42 16.93 24.20
CA SER B 84 -1.92 18.10 23.50
C SER B 84 -0.91 18.51 22.43
N LEU B 85 -1.38 18.68 21.20
CA LEU B 85 -0.48 18.91 20.08
C LEU B 85 0.06 20.33 20.01
N GLN B 86 -0.41 21.24 20.87
CA GLN B 86 0.07 22.62 20.79
C GLN B 86 1.48 22.80 21.32
N GLU B 87 2.01 21.82 22.05
CA GLU B 87 3.34 21.93 22.63
C GLU B 87 4.29 20.88 22.08
N ILE B 88 3.95 20.32 20.92
CA ILE B 88 4.82 19.40 20.19
C ILE B 88 5.35 20.13 18.98
N GLN B 89 6.68 20.24 18.89
CA GLN B 89 7.29 21.04 17.85
C GLN B 89 7.76 20.21 16.66
N THR B 90 8.28 19.01 16.90
CA THR B 90 8.87 18.22 15.83
C THR B 90 7.74 17.65 14.97
N PRO B 91 7.73 17.89 13.67
CA PRO B 91 6.57 17.51 12.85
C PRO B 91 6.39 16.01 12.64
N ILE B 92 7.45 15.20 12.77
CA ILE B 92 7.27 13.76 12.60
C ILE B 92 6.50 13.16 13.78
N ILE B 93 6.83 13.58 15.01
CA ILE B 93 6.09 13.14 16.19
C ILE B 93 4.65 13.66 16.14
N LYS B 94 4.47 14.88 15.64
CA LYS B 94 3.13 15.46 15.55
C LYS B 94 2.29 14.71 14.53
N ARG B 95 2.90 14.31 13.41
CA ARG B 95 2.18 13.55 12.39
C ARG B 95 1.84 12.15 12.89
N GLN B 96 2.75 11.54 13.66
CA GLN B 96 2.49 10.22 14.23
C GLN B 96 1.34 10.29 15.25
N LEU B 97 1.33 11.32 16.08
CA LEU B 97 0.28 11.45 17.07
C LEU B 97 -1.03 11.83 16.41
N GLN B 98 -0.99 12.56 15.29
CA GLN B 98 -2.20 12.83 14.53
C GLN B 98 -2.78 11.54 13.99
N ALA B 99 -1.92 10.66 13.49
CA ALA B 99 -2.39 9.38 12.94
C ALA B 99 -2.96 8.50 14.03
N LEU B 100 -2.35 8.52 15.23
CA LEU B 100 -2.80 7.65 16.31
C LEU B 100 -4.06 8.17 16.98
N GLN B 101 -4.30 9.47 16.98
CA GLN B 101 -5.43 10.06 17.70
C GLN B 101 -6.74 10.02 16.93
N GLN B 102 -6.73 9.52 15.69
CA GLN B 102 -7.97 9.38 14.92
C GLN B 102 -8.78 8.25 15.52
N SER B 103 -9.78 8.61 16.33
CA SER B 103 -10.68 7.62 16.92
C SER B 103 -11.58 6.99 15.86
N GLY B 104 -12.02 7.78 14.89
CA GLY B 104 -12.88 7.25 13.84
C GLY B 104 -14.29 7.06 14.34
N SER B 105 -14.83 5.86 14.15
CA SER B 105 -16.23 5.60 14.50
C SER B 105 -16.43 5.35 15.99
N SER B 106 -15.35 5.25 16.77
CA SER B 106 -15.44 5.02 18.20
C SER B 106 -15.86 6.26 18.99
N ALA B 107 -15.95 7.42 18.33
CA ALA B 107 -16.27 8.67 19.02
C ALA B 107 -17.72 8.75 19.48
N LEU B 108 -18.62 8.01 18.87
CA LEU B 108 -20.01 8.03 19.30
C LEU B 108 -20.22 7.14 20.51
N SER B 109 -21.43 7.17 21.04
CA SER B 109 -21.84 6.29 22.13
C SER B 109 -22.07 4.89 21.60
N ALA B 110 -22.23 3.93 22.52
CA ALA B 110 -22.36 2.53 22.14
C ALA B 110 -23.65 2.28 21.36
N ASP B 111 -24.72 2.99 21.70
CA ASP B 111 -26.00 2.79 21.03
C ASP B 111 -25.95 3.28 19.60
N LYS B 112 -25.41 4.48 19.39
CA LYS B 112 -25.32 5.04 18.05
C LYS B 112 -24.32 4.28 17.19
N ASN B 113 -23.21 3.83 17.80
CA ASN B 113 -22.22 3.05 17.08
C ASN B 113 -22.80 1.70 16.66
N LYS B 114 -23.59 1.09 17.54
CA LYS B 114 -24.20 -0.20 17.23
C LYS B 114 -25.26 -0.04 16.14
N GLN B 115 -26.02 1.05 16.20
CA GLN B 115 -27.02 1.33 15.17
C GLN B 115 -26.36 1.58 13.81
N LEU B 116 -25.26 2.33 13.81
CA LEU B 116 -24.54 2.61 12.56
C LEU B 116 -23.93 1.33 12.00
N ASN B 117 -23.38 0.48 12.87
CA ASN B 117 -22.82 -0.79 12.42
C ASN B 117 -23.91 -1.70 11.86
N THR B 118 -25.10 -1.65 12.47
CA THR B 118 -26.24 -2.42 11.98
C THR B 118 -26.66 -1.94 10.60
N ILE B 119 -26.70 -0.62 10.40
CA ILE B 119 -27.08 -0.05 9.11
C ILE B 119 -26.04 -0.41 8.04
N LEU B 120 -24.75 -0.33 8.40
CA LEU B 120 -23.69 -0.68 7.46
C LEU B 120 -23.74 -2.16 7.10
N ASN B 121 -23.96 -3.02 8.10
CA ASN B 121 -24.00 -4.46 7.84
C ASN B 121 -25.20 -4.83 6.99
N THR B 122 -26.35 -4.20 7.25
CA THR B 122 -27.54 -4.56 6.47
C THR B 122 -27.42 -4.01 5.05
N MET B 123 -26.75 -2.86 4.86
CA MET B 123 -26.49 -2.35 3.52
C MET B 123 -25.56 -3.27 2.76
N SER B 124 -24.51 -3.76 3.43
CA SER B 124 -23.56 -4.67 2.79
C SER B 124 -24.24 -5.97 2.41
N THR B 125 -25.08 -6.52 3.30
CA THR B 125 -25.67 -7.82 3.02
C THR B 125 -26.87 -7.71 2.09
N ILE B 126 -27.41 -6.50 1.88
CA ILE B 126 -28.48 -6.33 0.91
C ILE B 126 -27.92 -5.92 -0.45
N TYR B 127 -26.70 -5.37 -0.50
CA TYR B 127 -26.06 -5.10 -1.78
C TYR B 127 -25.43 -6.37 -2.33
N SER B 128 -24.86 -7.20 -1.46
CA SER B 128 -24.23 -8.43 -1.91
C SER B 128 -25.26 -9.47 -2.31
N THR B 129 -26.49 -9.32 -1.85
CA THR B 129 -27.59 -10.24 -2.17
C THR B 129 -28.68 -9.51 -2.94
N GLY B 130 -28.28 -8.51 -3.73
CA GLY B 130 -29.22 -7.80 -4.56
C GLY B 130 -29.79 -8.72 -5.63
N LYS B 131 -31.08 -8.57 -5.89
CA LYS B 131 -31.79 -9.52 -6.75
C LYS B 131 -32.82 -8.79 -7.59
N VAL B 132 -32.69 -8.89 -8.91
CA VAL B 132 -33.68 -8.36 -9.84
C VAL B 132 -34.07 -9.49 -10.77
N CYS B 133 -35.36 -9.67 -11.01
CA CYS B 133 -35.79 -10.85 -11.73
C CYS B 133 -36.62 -10.48 -12.95
N ASN B 134 -36.58 -11.36 -13.96
CA ASN B 134 -37.16 -11.09 -15.27
C ASN B 134 -38.69 -11.00 -15.19
N PRO B 135 -39.31 -9.92 -15.67
CA PRO B 135 -40.78 -9.85 -15.70
C PRO B 135 -41.31 -10.84 -16.74
N LYS B 136 -42.34 -11.59 -16.35
CA LYS B 136 -43.07 -12.64 -17.07
C LYS B 136 -42.26 -13.94 -17.12
N ASN B 137 -41.00 -13.92 -16.69
CA ASN B 137 -40.14 -15.10 -16.63
C ASN B 137 -39.61 -15.17 -15.21
N PRO B 138 -40.42 -15.66 -14.25
CA PRO B 138 -40.03 -15.63 -12.85
C PRO B 138 -38.90 -16.57 -12.47
N GLN B 139 -38.51 -17.50 -13.34
CA GLN B 139 -37.39 -18.38 -13.00
C GLN B 139 -36.04 -17.73 -13.32
N GLU B 140 -36.02 -16.70 -14.17
CA GLU B 140 -34.77 -16.08 -14.61
C GLU B 140 -34.46 -14.88 -13.73
N CYS B 141 -34.12 -15.16 -12.47
CA CYS B 141 -33.81 -14.14 -11.49
C CYS B 141 -32.30 -13.97 -11.42
N LEU B 142 -31.82 -12.73 -11.56
CA LEU B 142 -30.41 -12.44 -11.69
C LEU B 142 -29.86 -11.58 -10.56
N LEU B 143 -28.68 -11.97 -10.09
CA LEU B 143 -27.87 -11.24 -9.13
C LEU B 143 -26.99 -10.28 -9.92
N LEU B 144 -26.39 -9.29 -9.24
CA LEU B 144 -25.57 -8.35 -10.00
C LEU B 144 -24.20 -8.94 -10.36
N GLU B 145 -23.54 -9.56 -9.40
CA GLU B 145 -22.15 -9.98 -9.58
C GLU B 145 -21.91 -11.04 -10.65
N PRO B 146 -22.66 -12.19 -10.72
CA PRO B 146 -22.36 -13.13 -11.81
C PRO B 146 -23.01 -12.81 -13.15
N GLY B 147 -24.23 -12.28 -13.15
CA GLY B 147 -24.97 -12.22 -14.40
C GLY B 147 -25.43 -10.88 -14.92
N LEU B 148 -25.71 -9.93 -14.03
CA LEU B 148 -26.24 -8.66 -14.51
C LEU B 148 -25.13 -7.76 -15.05
N ASP B 149 -23.91 -7.92 -14.51
CA ASP B 149 -22.76 -7.22 -15.05
C ASP B 149 -22.42 -7.70 -16.45
N GLU B 150 -22.71 -8.98 -16.74
CA GLU B 150 -22.49 -9.50 -18.08
C GLU B 150 -23.47 -8.84 -19.06
N ILE B 151 -24.69 -8.56 -18.60
CA ILE B 151 -25.68 -7.90 -19.42
C ILE B 151 -25.27 -6.46 -19.69
N MET B 152 -24.78 -5.78 -18.66
CA MET B 152 -24.29 -4.41 -18.83
C MET B 152 -23.03 -4.34 -19.69
N ALA B 153 -22.15 -5.34 -19.60
CA ALA B 153 -20.92 -5.28 -20.38
C ALA B 153 -21.12 -5.69 -21.84
N THR B 154 -21.90 -6.72 -22.11
CA THR B 154 -21.93 -7.30 -23.46
C THR B 154 -23.20 -7.03 -24.26
N SER B 155 -24.37 -7.00 -23.62
CA SER B 155 -25.64 -6.94 -24.35
C SER B 155 -25.81 -5.63 -25.10
N THR B 156 -26.46 -5.73 -26.26
CA THR B 156 -26.66 -4.59 -27.14
C THR B 156 -28.15 -4.25 -27.24
N ASP B 157 -29.01 -5.08 -26.67
CA ASP B 157 -30.44 -4.86 -26.72
C ASP B 157 -30.83 -3.70 -25.81
N TYR B 158 -31.56 -2.74 -26.34
CA TYR B 158 -31.93 -1.55 -25.58
C TYR B 158 -32.90 -1.90 -24.46
N ASN B 159 -33.89 -2.75 -24.75
CA ASN B 159 -34.93 -3.03 -23.76
C ASN B 159 -34.39 -3.88 -22.61
N SER B 160 -33.47 -4.79 -22.90
CA SER B 160 -32.89 -5.63 -21.84
C SER B 160 -32.01 -4.79 -20.91
N ARG B 161 -31.27 -3.84 -21.47
CA ARG B 161 -30.47 -2.95 -20.64
C ARG B 161 -31.35 -2.01 -19.85
N LEU B 162 -32.45 -1.54 -20.45
CA LEU B 162 -33.40 -0.68 -19.74
C LEU B 162 -34.02 -1.43 -18.59
N TRP B 163 -34.33 -2.72 -18.81
CA TRP B 163 -34.86 -3.57 -17.75
C TRP B 163 -33.87 -3.73 -16.62
N ALA B 164 -32.62 -4.10 -16.94
CA ALA B 164 -31.65 -4.41 -15.90
C ALA B 164 -31.33 -3.17 -15.08
N TRP B 165 -31.18 -2.03 -15.75
CA TRP B 165 -30.87 -0.77 -15.08
C TRP B 165 -32.01 -0.32 -14.19
N GLU B 166 -33.24 -0.28 -14.75
CA GLU B 166 -34.38 0.22 -13.98
C GLU B 166 -34.74 -0.74 -12.86
N GLY B 167 -34.60 -2.05 -13.09
CA GLY B 167 -34.96 -3.02 -12.09
C GLY B 167 -34.00 -3.02 -10.92
N TRP B 168 -32.69 -2.90 -11.19
CA TRP B 168 -31.76 -2.85 -10.07
C TRP B 168 -31.88 -1.51 -9.35
N ARG B 169 -32.22 -0.44 -10.10
CA ARG B 169 -32.48 0.85 -9.49
C ARG B 169 -33.68 0.78 -8.55
N ALA B 170 -34.75 0.10 -8.98
CA ALA B 170 -35.94 0.00 -8.14
C ALA B 170 -35.68 -0.86 -6.92
N GLU B 171 -35.34 -2.13 -7.13
CA GLU B 171 -35.13 -3.07 -6.02
C GLU B 171 -33.87 -2.81 -5.20
N VAL B 172 -33.10 -1.75 -5.45
CA VAL B 172 -32.04 -1.34 -4.54
C VAL B 172 -32.31 0.04 -3.95
N GLY B 173 -32.68 1.00 -4.81
CA GLY B 173 -32.93 2.36 -4.34
C GLY B 173 -34.12 2.45 -3.40
N LYS B 174 -35.22 1.73 -3.70
CA LYS B 174 -36.40 1.79 -2.84
C LYS B 174 -36.11 1.19 -1.47
N GLN B 175 -35.17 0.24 -1.40
CA GLN B 175 -34.85 -0.44 -0.16
C GLN B 175 -33.72 0.24 0.59
N LEU B 176 -32.96 1.10 -0.09
CA LEU B 176 -31.81 1.76 0.51
C LEU B 176 -32.01 3.25 0.71
N ARG B 177 -33.17 3.80 0.32
CA ARG B 177 -33.41 5.22 0.57
C ARG B 177 -33.53 5.54 2.06
N PRO B 178 -34.37 4.87 2.88
CA PRO B 178 -34.40 5.24 4.31
C PRO B 178 -33.13 4.85 5.04
N LEU B 179 -32.48 3.77 4.60
CA LEU B 179 -31.22 3.35 5.19
C LEU B 179 -30.17 4.43 4.99
N TYR B 180 -30.14 5.04 3.80
CA TYR B 180 -29.24 6.16 3.56
C TYR B 180 -29.69 7.38 4.34
N GLU B 181 -31.00 7.51 4.60
CA GLU B 181 -31.54 8.69 5.30
C GLU B 181 -31.00 8.74 6.72
N GLU B 182 -31.03 7.62 7.44
CA GLU B 182 -30.42 7.65 8.77
C GLU B 182 -28.90 7.41 8.73
N TYR B 183 -28.37 6.85 7.64
CA TYR B 183 -26.93 6.69 7.51
C TYR B 183 -26.23 8.03 7.45
N VAL B 184 -26.83 8.99 6.72
CA VAL B 184 -26.29 10.34 6.61
C VAL B 184 -26.26 11.01 7.98
N VAL B 185 -27.35 10.84 8.76
CA VAL B 185 -27.46 11.49 10.06
C VAL B 185 -26.44 10.91 11.04
N LEU B 186 -26.27 9.58 11.04
CA LEU B 186 -25.33 8.96 11.95
C LEU B 186 -23.88 9.29 11.58
N LYS B 187 -23.58 9.34 10.28
CA LYS B 187 -22.23 9.71 9.87
C LYS B 187 -21.95 11.18 10.16
N ASN B 188 -22.97 12.04 10.02
CA ASN B 188 -22.84 13.44 10.39
C ASN B 188 -22.58 13.60 11.89
N GLU B 189 -23.25 12.78 12.71
CA GLU B 189 -23.02 12.81 14.15
C GLU B 189 -21.60 12.35 14.48
N MET B 190 -21.11 11.32 13.77
CA MET B 190 -19.76 10.81 14.02
C MET B 190 -18.72 11.85 13.61
N ALA B 191 -18.97 12.56 12.51
CA ALA B 191 -18.02 13.55 12.03
C ALA B 191 -18.02 14.77 12.93
N ARG B 192 -19.20 15.23 13.38
CA ARG B 192 -19.24 16.35 14.30
C ARG B 192 -18.74 15.93 15.68
N ALA B 193 -18.70 14.62 15.97
CA ALA B 193 -18.08 14.14 17.19
C ALA B 193 -16.57 14.12 17.04
N ASN B 194 -16.06 14.17 15.81
CA ASN B 194 -14.63 14.19 15.56
C ASN B 194 -14.14 15.56 15.12
N ASN B 195 -14.89 16.62 15.45
CA ASN B 195 -14.54 18.03 15.17
C ASN B 195 -14.47 18.31 13.68
N TYR B 196 -15.38 17.73 12.91
CA TYR B 196 -15.50 17.99 11.48
C TYR B 196 -16.86 18.64 11.23
N ASN B 197 -16.95 19.39 10.13
CA ASN B 197 -18.20 20.08 9.80
C ASN B 197 -19.28 19.11 9.37
N ASP B 198 -18.92 18.13 8.56
CA ASP B 198 -19.84 17.11 8.09
C ASP B 198 -19.01 15.88 7.75
N TYR B 199 -19.68 14.85 7.23
CA TYR B 199 -18.97 13.63 6.87
C TYR B 199 -18.15 13.83 5.60
N GLY B 200 -18.56 14.78 4.76
CA GLY B 200 -17.76 15.13 3.60
C GLY B 200 -16.44 15.76 3.99
N ASP B 201 -16.45 16.61 5.03
CA ASP B 201 -15.18 17.18 5.51
C ASP B 201 -14.33 16.10 6.18
N TYR B 202 -14.97 15.09 6.79
CA TYR B 202 -14.22 13.98 7.37
C TYR B 202 -13.50 13.20 6.28
N TRP B 203 -14.16 12.98 5.14
CA TRP B 203 -13.49 12.34 4.02
C TRP B 203 -12.44 13.23 3.38
N ARG B 204 -12.70 14.54 3.33
CA ARG B 204 -11.73 15.47 2.75
C ARG B 204 -10.56 15.73 3.68
N GLY B 205 -10.62 15.25 4.93
CA GLY B 205 -9.52 15.34 5.85
C GLY B 205 -8.38 14.40 5.54
N ASP B 206 -8.55 13.50 4.56
CA ASP B 206 -7.47 12.63 4.15
C ASP B 206 -6.46 13.38 3.29
N TYR B 207 -6.85 14.52 2.74
CA TYR B 207 -5.98 15.31 1.88
C TYR B 207 -5.43 16.51 2.62
N GLU B 208 -5.70 16.61 3.92
CA GLU B 208 -5.22 17.72 4.71
C GLU B 208 -3.74 17.51 4.98
N ALA B 209 -2.93 18.52 4.71
CA ALA B 209 -1.51 18.45 4.97
C ALA B 209 -1.10 19.64 5.82
N GLU B 210 -0.60 19.38 7.02
CA GLU B 210 -0.10 20.42 7.89
C GLU B 210 1.42 20.33 7.94
N GLY B 211 2.07 21.39 7.51
CA GLY B 211 3.52 21.39 7.41
C GLY B 211 4.03 22.80 7.29
N ALA B 212 5.25 22.91 6.74
CA ALA B 212 5.92 24.19 6.58
C ALA B 212 5.16 25.05 5.57
N ASP B 213 5.49 26.35 5.55
CA ASP B 213 4.77 27.31 4.72
C ASP B 213 4.84 26.91 3.25
N GLY B 214 3.71 27.09 2.56
CA GLY B 214 3.63 26.80 1.16
C GLY B 214 3.25 25.36 0.85
N TYR B 215 3.47 24.46 1.80
CA TYR B 215 3.06 23.06 1.70
C TYR B 215 1.77 22.79 2.43
N ASN B 216 1.11 23.84 2.92
CA ASN B 216 -0.12 23.69 3.69
C ASN B 216 -1.28 23.40 2.75
N TYR B 217 -1.98 22.32 2.99
CA TYR B 217 -3.19 22.01 2.24
C TYR B 217 -4.35 21.90 3.21
N ASN B 218 -5.48 22.46 2.81
CA ASN B 218 -6.68 22.51 3.62
C ASN B 218 -7.76 21.65 3.00
N ARG B 219 -8.72 21.22 3.82
CA ARG B 219 -9.79 20.35 3.34
C ARG B 219 -10.67 21.09 2.35
N ASN B 220 -11.01 22.36 2.66
CA ASN B 220 -11.90 23.16 1.84
C ASN B 220 -11.28 23.50 0.49
N GLN B 221 -9.95 23.39 0.39
CA GLN B 221 -9.24 23.70 -0.85
C GLN B 221 -9.46 22.61 -1.88
N LEU B 222 -9.65 21.36 -1.41
CA LEU B 222 -9.70 20.19 -2.27
C LEU B 222 -10.82 20.29 -3.30
N ILE B 223 -12.01 20.73 -2.86
CA ILE B 223 -13.17 20.89 -3.73
C ILE B 223 -12.83 21.80 -4.90
N GLU B 224 -12.23 22.96 -4.60
CA GLU B 224 -11.96 23.93 -5.65
C GLU B 224 -10.84 23.43 -6.55
N ASP B 225 -9.88 22.67 -5.99
CA ASP B 225 -8.83 22.07 -6.81
C ASP B 225 -9.39 21.05 -7.80
N VAL B 226 -10.33 20.22 -7.32
CA VAL B 226 -10.98 19.23 -8.18
C VAL B 226 -11.76 19.94 -9.29
N GLU B 227 -12.49 21.01 -8.93
CA GLU B 227 -13.24 21.76 -9.94
C GLU B 227 -12.30 22.42 -10.95
N ARG B 228 -11.16 22.93 -10.48
CA ARG B 228 -10.20 23.57 -11.36
C ARG B 228 -9.60 22.56 -12.34
N THR B 229 -9.27 21.37 -11.83
CA THR B 229 -8.75 20.32 -12.70
C THR B 229 -9.82 19.73 -13.60
N PHE B 230 -11.09 19.90 -13.26
CA PHE B 230 -12.18 19.46 -14.13
C PHE B 230 -12.60 20.55 -15.11
N ALA B 231 -12.03 21.74 -14.99
CA ALA B 231 -12.42 22.83 -15.86
C ALA B 231 -11.77 22.70 -17.23
N GLU B 232 -10.70 21.91 -17.33
CA GLU B 232 -9.88 21.77 -18.52
C GLU B 232 -9.79 20.33 -19.02
N ILE B 233 -10.36 19.38 -18.29
CA ILE B 233 -10.55 18.03 -18.81
C ILE B 233 -11.82 18.02 -19.65
N LYS B 234 -12.69 19.01 -19.39
CA LYS B 234 -14.00 19.10 -20.04
C LYS B 234 -13.97 19.19 -21.57
N PRO B 235 -13.04 19.90 -22.24
CA PRO B 235 -13.02 19.81 -23.71
C PRO B 235 -12.69 18.41 -24.25
N LEU B 236 -11.71 17.73 -23.65
CA LEU B 236 -11.37 16.37 -24.07
C LEU B 236 -12.53 15.43 -23.80
N TYR B 237 -13.18 15.58 -22.65
CA TYR B 237 -14.33 14.75 -22.34
C TYR B 237 -15.49 15.06 -23.26
N GLU B 238 -15.65 16.32 -23.68
CA GLU B 238 -16.75 16.69 -24.55
C GLU B 238 -16.55 16.11 -25.94
N HIS B 239 -15.32 16.13 -26.44
CA HIS B 239 -15.03 15.52 -27.74
C HIS B 239 -15.18 14.00 -27.69
N LEU B 240 -14.72 13.38 -26.61
CA LEU B 240 -14.90 11.94 -26.44
C LEU B 240 -16.37 11.58 -26.32
N HIS B 241 -17.14 12.40 -25.60
CA HIS B 241 -18.57 12.18 -25.44
C HIS B 241 -19.30 12.31 -26.76
N ALA B 242 -18.91 13.28 -27.59
CA ALA B 242 -19.53 13.46 -28.89
C ALA B 242 -19.22 12.28 -29.81
N TYR B 243 -17.97 11.78 -29.77
CA TYR B 243 -17.60 10.63 -30.60
C TYR B 243 -18.33 9.38 -30.15
N VAL B 244 -18.41 9.15 -28.84
CA VAL B 244 -19.11 8.00 -28.29
C VAL B 244 -20.59 8.09 -28.61
N ARG B 245 -21.15 9.31 -28.58
CA ARG B 245 -22.56 9.51 -28.87
C ARG B 245 -22.88 9.22 -30.33
N ARG B 246 -21.99 9.63 -31.23
CA ARG B 246 -22.19 9.34 -32.65
C ARG B 246 -22.07 7.86 -32.94
N LYS B 247 -21.09 7.18 -32.33
CA LYS B 247 -20.93 5.75 -32.56
C LYS B 247 -22.08 4.95 -31.95
N LEU B 248 -22.59 5.40 -30.81
CA LEU B 248 -23.74 4.74 -30.20
C LEU B 248 -25.01 5.02 -30.99
N MET B 249 -25.08 6.19 -31.63
CA MET B 249 -26.20 6.49 -32.52
C MET B 249 -26.15 5.57 -33.74
N ASP B 250 -24.93 5.22 -34.17
CA ASP B 250 -24.78 4.24 -35.24
C ASP B 250 -25.27 2.88 -34.73
N THR B 251 -25.00 2.59 -33.46
CA THR B 251 -25.43 1.32 -32.86
C THR B 251 -26.93 1.34 -32.58
N TYR B 252 -27.41 2.38 -31.89
CA TYR B 252 -28.83 2.53 -31.56
C TYR B 252 -29.38 3.62 -32.47
N PRO B 253 -30.11 3.27 -33.53
CA PRO B 253 -30.50 4.26 -34.56
C PRO B 253 -31.37 5.43 -34.11
N SER B 254 -32.48 5.18 -33.42
CA SER B 254 -33.41 6.24 -33.10
C SER B 254 -33.52 6.57 -31.62
N TYR B 255 -32.78 5.87 -30.76
CA TYR B 255 -32.96 6.05 -29.33
C TYR B 255 -31.99 7.07 -28.73
N ILE B 256 -31.02 7.57 -29.51
CA ILE B 256 -30.08 8.59 -29.06
C ILE B 256 -30.17 9.78 -30.00
N SER B 257 -30.23 11.01 -29.41
CA SER B 257 -30.34 12.30 -30.08
C SER B 257 -28.94 12.87 -30.35
N PRO B 258 -28.76 13.61 -31.45
CA PRO B 258 -27.44 14.20 -31.72
C PRO B 258 -27.05 15.30 -30.74
N THR B 259 -28.00 16.09 -30.26
CA THR B 259 -27.68 17.21 -29.39
C THR B 259 -27.91 16.91 -27.92
N GLY B 260 -28.39 15.70 -27.59
CA GLY B 260 -28.77 15.36 -26.24
C GLY B 260 -27.67 14.63 -25.49
N CYS B 261 -28.03 14.18 -24.29
CA CYS B 261 -27.14 13.44 -23.43
C CYS B 261 -27.23 11.95 -23.72
N LEU B 262 -26.28 11.20 -23.22
CA LEU B 262 -26.31 9.76 -23.41
C LEU B 262 -27.29 9.13 -22.42
N PRO B 263 -28.01 8.08 -22.83
CA PRO B 263 -28.83 7.34 -21.87
C PRO B 263 -27.97 6.64 -20.83
N ALA B 264 -28.55 6.48 -19.63
CA ALA B 264 -27.76 5.97 -18.51
C ALA B 264 -27.45 4.49 -18.61
N HIS B 265 -28.20 3.72 -19.40
CA HIS B 265 -28.04 2.28 -19.43
C HIS B 265 -27.28 1.80 -20.67
N LEU B 266 -26.70 2.72 -21.43
CA LEU B 266 -25.96 2.37 -22.64
C LEU B 266 -24.47 2.63 -22.51
N LEU B 267 -23.94 2.65 -21.29
CA LEU B 267 -22.56 3.06 -21.07
C LEU B 267 -21.61 1.91 -20.80
N GLY B 268 -22.05 0.66 -20.91
CA GLY B 268 -21.17 -0.46 -20.80
C GLY B 268 -20.99 -1.00 -19.40
N ASP B 269 -21.39 -0.25 -18.38
CA ASP B 269 -21.35 -0.66 -16.99
C ASP B 269 -22.75 -0.51 -16.40
N MET B 270 -22.88 -0.96 -15.15
CA MET B 270 -24.16 -0.86 -14.47
C MET B 270 -24.51 0.59 -14.14
N TRP B 271 -23.49 1.38 -13.78
CA TRP B 271 -23.71 2.75 -13.36
C TRP B 271 -23.11 3.76 -14.33
N GLY B 272 -22.38 3.31 -15.34
CA GLY B 272 -21.69 4.22 -16.23
C GLY B 272 -20.35 4.66 -15.70
N ARG B 273 -19.78 3.91 -14.76
CA ARG B 273 -18.53 4.30 -14.11
C ARG B 273 -17.36 4.21 -15.06
N PHE B 274 -17.26 3.12 -15.81
CA PHE B 274 -16.22 2.93 -16.81
C PHE B 274 -16.85 2.73 -18.18
N TRP B 275 -16.27 3.39 -19.19
CA TRP B 275 -16.74 3.28 -20.56
C TRP B 275 -15.92 2.26 -21.35
N THR B 276 -15.15 1.42 -20.64
CA THR B 276 -14.23 0.51 -21.32
C THR B 276 -14.94 -0.61 -22.08
N ASN B 277 -16.22 -0.85 -21.79
CA ASN B 277 -16.98 -1.88 -22.47
C ASN B 277 -17.62 -1.38 -23.76
N LEU B 278 -17.41 -0.12 -24.09
CA LEU B 278 -17.91 0.47 -25.33
C LEU B 278 -16.89 0.43 -26.44
N TYR B 279 -15.73 -0.18 -26.19
CA TYR B 279 -14.67 -0.24 -27.20
C TYR B 279 -15.04 -1.02 -28.46
N PRO B 280 -15.71 -2.19 -28.43
CA PRO B 280 -16.16 -2.78 -29.70
C PRO B 280 -17.13 -1.92 -30.49
N LEU B 281 -18.01 -1.19 -29.80
CA LEU B 281 -18.96 -0.33 -30.51
C LEU B 281 -18.32 0.95 -31.02
N THR B 282 -17.25 1.42 -30.37
CA THR B 282 -16.68 2.73 -30.67
C THR B 282 -15.23 2.62 -31.13
N VAL B 283 -14.87 1.52 -31.78
CA VAL B 283 -13.49 1.34 -32.25
C VAL B 283 -13.21 2.29 -33.42
N PRO B 284 -12.08 3.00 -33.41
CA PRO B 284 -11.72 3.85 -34.55
C PRO B 284 -11.40 3.10 -35.82
N PHE B 285 -10.51 2.13 -35.71
CA PHE B 285 -10.05 1.34 -36.84
C PHE B 285 -10.25 -0.12 -36.51
N ALA B 286 -11.36 -0.69 -37.01
CA ALA B 286 -11.68 -2.08 -36.72
C ALA B 286 -10.73 -3.05 -37.39
N GLN B 287 -10.14 -2.64 -38.53
CA GLN B 287 -9.27 -3.54 -39.27
C GLN B 287 -7.94 -3.71 -38.59
N LYS B 288 -7.50 -2.71 -37.84
CA LYS B 288 -6.25 -2.83 -37.09
C LYS B 288 -6.52 -3.59 -35.79
N PRO B 289 -5.80 -4.67 -35.51
CA PRO B 289 -5.99 -5.39 -34.26
C PRO B 289 -5.33 -4.66 -33.10
N ASN B 290 -5.52 -5.21 -31.91
CA ASN B 290 -5.00 -4.59 -30.70
C ASN B 290 -3.56 -5.07 -30.50
N ILE B 291 -2.94 -4.70 -29.38
CA ILE B 291 -1.53 -4.98 -29.13
C ILE B 291 -1.46 -6.13 -28.13
N ASP B 292 -2.45 -7.01 -28.18
CA ASP B 292 -2.50 -8.19 -27.31
C ASP B 292 -1.35 -9.15 -27.60
N VAL B 293 -0.65 -9.57 -26.56
CA VAL B 293 0.51 -10.45 -26.69
C VAL B 293 0.31 -11.72 -25.88
N THR B 294 -0.96 -12.11 -25.67
CA THR B 294 -1.25 -13.32 -24.89
C THR B 294 -0.75 -14.56 -25.63
N ASP B 295 -0.96 -14.61 -26.95
CA ASP B 295 -0.59 -15.80 -27.73
C ASP B 295 0.92 -15.96 -27.79
N ALA B 296 1.65 -14.85 -27.76
CA ALA B 296 3.10 -14.90 -27.73
C ALA B 296 3.61 -15.45 -26.40
N MET B 297 2.90 -15.16 -25.31
CA MET B 297 3.26 -15.75 -24.03
C MET B 297 2.94 -17.24 -24.04
N MET B 298 1.86 -17.62 -24.72
CA MET B 298 1.51 -19.03 -24.85
C MET B 298 2.56 -19.78 -25.66
N ASN B 299 3.07 -19.16 -26.72
CA ASN B 299 3.99 -19.85 -27.61
C ASN B 299 5.38 -20.00 -26.99
N GLN B 300 5.80 -19.06 -26.16
CA GLN B 300 7.12 -19.10 -25.55
C GLN B 300 7.11 -19.81 -24.21
N GLY B 301 5.99 -20.35 -23.80
CA GLY B 301 5.91 -21.13 -22.58
C GLY B 301 6.06 -20.32 -21.31
N TRP B 302 5.53 -19.11 -21.29
CA TRP B 302 5.59 -18.30 -20.09
C TRP B 302 4.62 -18.81 -19.04
N ASP B 303 4.97 -18.61 -17.79
CA ASP B 303 4.12 -18.94 -16.65
C ASP B 303 4.14 -17.73 -15.71
N ALA B 304 3.41 -17.87 -14.59
CA ALA B 304 3.28 -16.78 -13.62
C ALA B 304 4.62 -16.39 -13.02
N GLU B 305 5.50 -17.37 -12.82
CA GLU B 305 6.85 -17.11 -12.31
C GLU B 305 7.62 -16.22 -13.27
N ARG B 306 7.49 -16.46 -14.57
CA ARG B 306 8.19 -15.63 -15.54
C ARG B 306 7.58 -14.25 -15.63
N ILE B 307 6.26 -14.13 -15.42
CA ILE B 307 5.60 -12.83 -15.42
C ILE B 307 6.13 -11.96 -14.30
N PHE B 308 6.20 -12.53 -13.10
CA PHE B 308 6.70 -11.75 -11.96
C PHE B 308 8.20 -11.54 -12.05
N GLN B 309 8.93 -12.45 -12.68
CA GLN B 309 10.36 -12.25 -12.86
C GLN B 309 10.63 -11.14 -13.87
N GLU B 310 9.79 -11.02 -14.91
CA GLU B 310 9.94 -9.92 -15.86
C GLU B 310 9.57 -8.59 -15.22
N ALA B 311 8.57 -8.60 -14.34
CA ALA B 311 8.22 -7.40 -13.58
C ALA B 311 9.36 -6.99 -12.66
N GLU B 312 9.99 -7.97 -12.00
CA GLU B 312 11.15 -7.70 -11.15
C GLU B 312 12.32 -7.17 -11.97
N LYS B 313 12.50 -7.69 -13.19
CA LYS B 313 13.57 -7.21 -14.06
C LYS B 313 13.33 -5.76 -14.45
N PHE B 314 12.06 -5.40 -14.65
CA PHE B 314 11.71 -4.02 -14.97
C PHE B 314 12.01 -3.11 -13.79
N PHE B 315 11.68 -3.55 -12.57
CA PHE B 315 11.88 -2.71 -11.40
C PHE B 315 13.34 -2.61 -11.00
N VAL B 316 14.17 -3.59 -11.34
CA VAL B 316 15.60 -3.47 -11.07
C VAL B 316 16.31 -2.74 -12.20
N SER B 317 15.73 -2.70 -13.40
CA SER B 317 16.33 -1.94 -14.49
C SER B 317 16.16 -0.45 -14.27
N VAL B 318 15.10 -0.06 -13.58
CA VAL B 318 14.81 1.34 -13.33
C VAL B 318 15.54 1.81 -12.07
N GLY B 319 16.04 0.89 -11.25
CA GLY B 319 16.84 1.23 -10.09
C GLY B 319 16.26 0.82 -8.75
N LEU B 320 15.00 0.42 -8.67
CA LEU B 320 14.39 0.04 -7.42
C LEU B 320 14.90 -1.35 -7.00
N PRO B 321 14.85 -1.67 -5.71
CA PRO B 321 15.43 -2.93 -5.24
C PRO B 321 14.76 -4.19 -5.77
N HIS B 322 15.47 -5.31 -5.62
CA HIS B 322 14.95 -6.60 -6.01
C HIS B 322 13.88 -7.06 -5.03
N MET B 323 13.17 -8.11 -5.42
CA MET B 323 12.17 -8.67 -4.52
C MET B 323 12.86 -9.53 -3.47
N THR B 324 12.23 -9.64 -2.31
CA THR B 324 12.82 -10.38 -1.21
C THR B 324 12.68 -11.88 -1.45
N GLN B 325 13.46 -12.66 -0.70
CA GLN B 325 13.34 -14.11 -0.80
C GLN B 325 12.04 -14.58 -0.20
N GLY B 326 11.55 -13.89 0.82
CA GLY B 326 10.26 -14.21 1.39
C GLY B 326 9.11 -13.89 0.48
N PHE B 327 9.30 -12.95 -0.45
CA PHE B 327 8.28 -12.67 -1.45
C PHE B 327 8.08 -13.87 -2.37
N TRP B 328 9.18 -14.46 -2.84
CA TRP B 328 9.06 -15.63 -3.71
C TRP B 328 8.61 -16.85 -2.93
N ALA B 329 9.04 -16.97 -1.68
CA ALA B 329 8.70 -18.16 -0.91
C ALA B 329 7.26 -18.16 -0.42
N ASN B 330 6.76 -17.02 0.06
CA ASN B 330 5.48 -17.01 0.76
C ASN B 330 4.28 -16.62 -0.08
N SER B 331 4.47 -15.88 -1.17
CA SER B 331 3.34 -15.40 -1.95
C SER B 331 2.68 -16.53 -2.72
N MET B 332 1.43 -16.32 -3.09
CA MET B 332 0.76 -17.19 -4.03
C MET B 332 0.67 -16.43 -5.35
N LEU B 333 1.19 -17.02 -6.41
CA LEU B 333 1.09 -16.40 -7.72
C LEU B 333 0.32 -17.28 -8.68
N THR B 334 -0.36 -18.31 -8.18
CA THR B 334 -1.09 -19.25 -9.01
C THR B 334 -2.26 -19.74 -8.18
N GLU B 335 -3.35 -20.16 -8.84
CA GLU B 335 -4.42 -20.87 -8.16
C GLU B 335 -3.82 -22.14 -7.56
N PRO B 336 -4.01 -22.40 -6.27
CA PRO B 336 -3.30 -23.52 -5.64
C PRO B 336 -3.74 -24.88 -6.12
N ALA B 337 -5.04 -25.05 -6.39
CA ALA B 337 -5.64 -26.28 -6.93
C ALA B 337 -5.36 -27.52 -6.08
N ASP B 338 -5.20 -27.33 -4.77
CA ASP B 338 -5.01 -28.45 -3.86
C ASP B 338 -6.14 -28.57 -2.85
N GLY B 339 -7.29 -27.97 -3.15
CA GLY B 339 -8.48 -28.11 -2.33
C GLY B 339 -8.84 -26.92 -1.47
N ARG B 340 -8.04 -25.86 -1.46
CA ARG B 340 -8.31 -24.72 -0.60
C ARG B 340 -8.89 -23.58 -1.43
N LYS B 341 -9.89 -22.91 -0.88
CA LYS B 341 -10.51 -21.78 -1.57
C LYS B 341 -9.72 -20.50 -1.30
N VAL B 342 -9.63 -19.65 -2.32
CA VAL B 342 -8.88 -18.40 -2.25
C VAL B 342 -9.75 -17.30 -2.83
N VAL B 343 -9.33 -16.06 -2.61
CA VAL B 343 -9.98 -14.89 -3.19
C VAL B 343 -9.26 -14.56 -4.50
N CYS B 344 -10.03 -14.42 -5.58
CA CYS B 344 -9.45 -14.23 -6.91
C CYS B 344 -8.83 -12.85 -7.11
N HIS B 345 -9.15 -11.89 -6.26
CA HIS B 345 -8.69 -10.51 -6.47
C HIS B 345 -7.20 -10.38 -6.16
N PRO B 346 -6.42 -9.78 -7.05
CA PRO B 346 -5.00 -9.52 -6.74
C PRO B 346 -4.86 -8.46 -5.67
N THR B 347 -4.01 -8.75 -4.68
CA THR B 347 -3.82 -7.86 -3.54
C THR B 347 -2.35 -7.88 -3.16
N ALA B 348 -1.77 -6.71 -2.93
CA ALA B 348 -0.42 -6.60 -2.42
C ALA B 348 -0.46 -6.43 -0.90
N TRP B 349 0.25 -7.28 -0.18
CA TRP B 349 0.21 -7.32 1.26
C TRP B 349 1.54 -6.88 1.84
N ASP B 350 1.49 -5.92 2.76
CA ASP B 350 2.63 -5.50 3.56
C ASP B 350 2.33 -5.99 4.97
N LEU B 351 2.78 -7.20 5.29
CA LEU B 351 2.37 -7.80 6.56
C LEU B 351 3.11 -7.20 7.74
N GLY B 352 4.25 -6.59 7.51
CA GLY B 352 5.10 -6.05 8.55
C GLY B 352 6.34 -6.91 8.71
N HIS B 353 7.35 -6.32 9.37
CA HIS B 353 8.61 -7.00 9.70
C HIS B 353 9.31 -7.50 8.43
N GLY B 354 9.23 -6.72 7.36
CA GLY B 354 9.92 -7.05 6.14
C GLY B 354 9.25 -8.14 5.33
N ASP B 355 7.99 -8.45 5.62
CA ASP B 355 7.22 -9.46 4.90
C ASP B 355 6.34 -8.76 3.87
N PHE B 356 6.63 -9.01 2.59
CA PHE B 356 5.91 -8.41 1.48
C PHE B 356 5.43 -9.55 0.59
N ARG B 357 4.12 -9.65 0.39
CA ARG B 357 3.55 -10.74 -0.38
C ARG B 357 2.58 -10.20 -1.43
N ILE B 358 2.31 -11.02 -2.44
CA ILE B 358 1.30 -10.73 -3.46
C ILE B 358 0.37 -11.93 -3.55
N LYS B 359 -0.93 -11.69 -3.41
CA LYS B 359 -1.94 -12.73 -3.63
C LYS B 359 -2.59 -12.44 -4.97
N MET B 360 -2.21 -13.20 -6.00
CA MET B 360 -2.82 -13.02 -7.31
C MET B 360 -2.92 -14.35 -8.01
N CYS B 361 -4.12 -14.72 -8.44
CA CYS B 361 -4.34 -15.94 -9.22
C CYS B 361 -3.99 -15.63 -10.66
N THR B 362 -2.69 -15.67 -10.96
CA THR B 362 -2.18 -15.20 -12.24
C THR B 362 -2.37 -16.22 -13.35
N LYS B 363 -3.17 -15.87 -14.35
CA LYS B 363 -3.24 -16.64 -15.57
C LYS B 363 -2.25 -16.03 -16.55
N VAL B 364 -1.85 -16.78 -17.57
CA VAL B 364 -0.81 -16.30 -18.49
C VAL B 364 -1.52 -15.51 -19.60
N THR B 365 -1.83 -14.25 -19.27
CA THR B 365 -2.48 -13.31 -20.18
C THR B 365 -1.74 -11.96 -20.11
N MET B 366 -2.10 -11.07 -21.02
CA MET B 366 -1.48 -9.73 -21.02
C MET B 366 -2.00 -8.89 -19.86
N ASP B 367 -3.28 -9.03 -19.54
CA ASP B 367 -3.90 -8.26 -18.47
C ASP B 367 -3.28 -8.61 -17.12
N ASN B 368 -3.01 -9.89 -16.91
CA ASN B 368 -2.41 -10.32 -15.66
C ASN B 368 -0.94 -9.90 -15.60
N PHE B 369 -0.30 -9.75 -16.75
CA PHE B 369 1.07 -9.24 -16.81
C PHE B 369 1.12 -7.79 -16.35
N LEU B 370 0.19 -6.97 -16.88
CA LEU B 370 0.11 -5.57 -16.45
C LEU B 370 -0.32 -5.47 -14.99
N THR B 371 -1.22 -6.37 -14.56
CA THR B 371 -1.65 -6.40 -13.17
C THR B 371 -0.51 -6.78 -12.24
N ALA B 372 0.41 -7.63 -12.73
CA ALA B 372 1.57 -8.01 -11.94
C ALA B 372 2.51 -6.83 -11.78
N HIS B 373 2.67 -6.05 -12.85
CA HIS B 373 3.46 -4.81 -12.75
C HIS B 373 2.83 -3.84 -11.77
N HIS B 374 1.49 -3.72 -11.79
CA HIS B 374 0.76 -2.86 -10.87
C HIS B 374 0.96 -3.28 -9.41
N GLU B 375 0.77 -4.57 -9.12
CA GLU B 375 0.87 -5.02 -7.73
C GLU B 375 2.31 -5.03 -7.24
N MET B 376 3.28 -5.25 -8.13
CA MET B 376 4.65 -5.16 -7.69
C MET B 376 5.04 -3.70 -7.50
N GLY B 377 4.36 -2.78 -8.20
CA GLY B 377 4.53 -1.36 -7.93
C GLY B 377 4.05 -1.03 -6.54
N HIS B 378 2.93 -1.64 -6.13
CA HIS B 378 2.42 -1.48 -4.78
C HIS B 378 3.41 -2.01 -3.75
N ILE B 379 4.01 -3.16 -4.05
CA ILE B 379 4.96 -3.77 -3.11
C ILE B 379 6.23 -2.94 -3.02
N GLN B 380 6.69 -2.37 -4.13
CA GLN B 380 7.88 -1.52 -4.12
C GLN B 380 7.62 -0.25 -3.31
N TYR B 381 6.41 0.31 -3.45
CA TYR B 381 6.01 1.45 -2.64
C TYR B 381 6.00 1.09 -1.16
N ASP B 382 5.50 -0.10 -0.83
CA ASP B 382 5.48 -0.57 0.56
C ASP B 382 6.88 -0.80 1.11
N MET B 383 7.76 -1.38 0.29
CA MET B 383 9.12 -1.69 0.70
C MET B 383 9.94 -0.44 0.95
N ALA B 384 9.68 0.60 0.17
CA ALA B 384 10.50 1.81 0.27
C ALA B 384 10.29 2.56 1.58
N TYR B 385 9.05 2.63 2.09
CA TYR B 385 8.83 3.36 3.33
C TYR B 385 8.89 2.48 4.57
N ALA B 386 9.54 1.31 4.48
CA ALA B 386 9.69 0.46 5.65
C ALA B 386 10.63 1.05 6.68
N ARG B 387 11.48 2.00 6.29
CA ARG B 387 12.40 2.65 7.19
C ARG B 387 11.73 3.70 8.06
N GLN B 388 10.51 4.09 7.71
CA GLN B 388 9.71 5.04 8.46
C GLN B 388 9.15 4.38 9.71
N PRO B 389 8.73 5.18 10.71
CA PRO B 389 8.03 4.62 11.86
C PRO B 389 6.71 3.98 11.46
N PHE B 390 6.16 3.18 12.38
CA PHE B 390 5.00 2.33 12.11
C PHE B 390 3.78 3.13 11.67
N LEU B 391 3.54 4.27 12.29
CA LEU B 391 2.34 5.04 11.98
C LEU B 391 2.46 5.81 10.68
N LEU B 392 3.67 5.93 10.14
CA LEU B 392 3.92 6.64 8.89
C LEU B 392 4.24 5.69 7.74
N ARG B 393 3.90 4.41 7.89
CA ARG B 393 4.06 3.43 6.82
C ARG B 393 2.77 3.31 6.00
N ASN B 394 2.43 4.40 5.33
CA ASN B 394 1.26 4.47 4.47
C ASN B 394 1.62 5.30 3.25
N GLY B 395 0.66 5.48 2.36
CA GLY B 395 0.88 6.36 1.24
C GLY B 395 0.76 7.81 1.65
N ALA B 396 1.25 8.69 0.77
CA ALA B 396 1.21 10.13 1.06
C ALA B 396 -0.23 10.61 1.19
N ASN B 397 -1.10 10.12 0.30
CA ASN B 397 -2.54 10.25 0.45
C ASN B 397 -3.14 9.00 -0.18
N GLU B 398 -4.47 8.96 -0.27
CA GLU B 398 -5.13 7.77 -0.79
C GLU B 398 -4.91 7.56 -2.29
N GLY B 399 -4.46 8.59 -3.01
CA GLY B 399 -4.27 8.48 -4.44
C GLY B 399 -2.88 8.08 -4.87
N PHE B 400 -1.88 8.33 -4.03
CA PHE B 400 -0.48 8.08 -4.37
C PHE B 400 -0.20 6.59 -4.57
N HIS B 401 -0.77 5.76 -3.69
CA HIS B 401 -0.47 4.33 -3.66
C HIS B 401 -0.89 3.64 -4.95
N GLU B 402 -2.03 4.01 -5.50
CA GLU B 402 -2.48 3.36 -6.72
C GLU B 402 -1.90 4.01 -7.96
N ALA B 403 -1.53 5.29 -7.88
CA ALA B 403 -0.88 5.97 -8.98
C ALA B 403 0.50 5.39 -9.25
N VAL B 404 1.22 5.02 -8.18
CA VAL B 404 2.58 4.50 -8.38
C VAL B 404 2.57 3.07 -8.92
N GLY B 405 1.42 2.42 -8.98
CA GLY B 405 1.30 1.14 -9.64
C GLY B 405 0.79 1.32 -11.06
N GLU B 406 -0.09 2.32 -11.23
CA GLU B 406 -0.61 2.60 -12.56
C GLU B 406 0.47 3.11 -13.50
N ILE B 407 1.49 3.81 -12.98
CA ILE B 407 2.57 4.26 -13.85
C ILE B 407 3.38 3.07 -14.37
N MET B 408 3.57 2.05 -13.54
CA MET B 408 4.28 0.85 -13.98
C MET B 408 3.46 0.09 -15.00
N SER B 409 2.14 0.04 -14.81
CA SER B 409 1.26 -0.57 -15.80
C SER B 409 1.30 0.21 -17.11
N LEU B 410 1.50 1.53 -17.04
CA LEU B 410 1.54 2.36 -18.23
C LEU B 410 2.82 2.09 -19.01
N SER B 411 3.96 2.04 -18.32
CA SER B 411 5.24 1.87 -18.99
C SER B 411 5.43 0.45 -19.49
N ALA B 412 4.89 -0.54 -18.78
CA ALA B 412 5.04 -1.94 -19.18
C ALA B 412 4.30 -2.27 -20.47
N ALA B 413 3.24 -1.53 -20.81
CA ALA B 413 2.39 -1.90 -21.94
C ALA B 413 2.84 -1.29 -23.26
N THR B 414 3.92 -0.53 -23.30
CA THR B 414 4.32 0.18 -24.50
C THR B 414 4.93 -0.81 -25.49
N PRO B 415 4.77 -0.56 -26.80
CA PRO B 415 5.42 -1.44 -27.80
C PRO B 415 6.94 -1.47 -27.73
N LYS B 416 7.59 -0.46 -27.16
CA LYS B 416 9.02 -0.49 -26.99
C LYS B 416 9.40 -1.53 -25.92
N HIS B 417 8.66 -1.56 -24.82
CA HIS B 417 8.94 -2.50 -23.75
C HIS B 417 8.63 -3.92 -24.19
N LEU B 418 7.58 -4.10 -25.00
CA LEU B 418 7.22 -5.42 -25.48
C LEU B 418 8.19 -5.90 -26.54
N LYS B 419 8.77 -5.00 -27.33
CA LYS B 419 9.80 -5.44 -28.26
C LYS B 419 11.11 -5.70 -27.53
N SER B 420 11.33 -5.04 -26.40
CA SER B 420 12.58 -5.23 -25.66
C SER B 420 12.64 -6.60 -24.99
N ILE B 421 11.50 -7.15 -24.59
CA ILE B 421 11.46 -8.39 -23.83
C ILE B 421 11.06 -9.58 -24.69
N GLY B 422 10.96 -9.39 -26.01
CA GLY B 422 10.75 -10.50 -26.90
C GLY B 422 9.31 -10.89 -27.12
N LEU B 423 8.37 -10.24 -26.45
CA LEU B 423 6.97 -10.60 -26.58
C LEU B 423 6.41 -10.19 -27.93
N LEU B 424 6.91 -9.10 -28.49
CA LEU B 424 6.47 -8.53 -29.74
C LEU B 424 7.63 -8.61 -30.73
N PRO B 425 7.38 -8.95 -32.00
CA PRO B 425 8.47 -9.18 -32.94
C PRO B 425 9.34 -7.96 -33.18
N SER B 426 10.61 -8.21 -33.53
CA SER B 426 11.59 -7.14 -33.68
C SER B 426 11.28 -6.22 -34.87
N ASP B 427 10.63 -6.74 -35.91
CA ASP B 427 10.30 -5.93 -37.08
C ASP B 427 8.93 -5.27 -36.97
N PHE B 428 8.45 -5.02 -35.75
CA PHE B 428 7.10 -4.48 -35.58
C PHE B 428 7.04 -3.00 -35.96
N GLN B 429 6.03 -2.65 -36.75
CA GLN B 429 5.82 -1.29 -37.21
C GLN B 429 4.70 -0.67 -36.38
N GLU B 430 4.96 0.49 -35.80
CA GLU B 430 3.96 1.20 -35.00
C GLU B 430 3.34 2.28 -35.87
N ASP B 431 2.21 1.97 -36.49
CA ASP B 431 1.52 2.99 -37.26
C ASP B 431 0.65 3.84 -36.34
N SER B 432 0.14 4.94 -36.89
CA SER B 432 -0.64 5.88 -36.09
C SER B 432 -2.00 5.34 -35.70
N GLU B 433 -2.54 4.40 -36.48
CA GLU B 433 -3.90 3.92 -36.24
C GLU B 433 -4.00 3.08 -34.97
N THR B 434 -2.99 2.25 -34.70
CA THR B 434 -3.02 1.46 -33.47
C THR B 434 -2.76 2.37 -32.27
N GLU B 435 -2.02 3.47 -32.46
CA GLU B 435 -1.84 4.42 -31.37
C GLU B 435 -3.15 5.13 -31.07
N ILE B 436 -3.92 5.43 -32.12
CA ILE B 436 -5.18 6.13 -31.94
C ILE B 436 -6.20 5.24 -31.23
N ASN B 437 -6.30 3.97 -31.62
CA ASN B 437 -7.32 3.14 -30.99
C ASN B 437 -6.88 2.69 -29.60
N PHE B 438 -5.56 2.55 -29.37
CA PHE B 438 -5.08 2.28 -28.02
C PHE B 438 -5.35 3.46 -27.10
N LEU B 439 -5.14 4.68 -27.61
CA LEU B 439 -5.40 5.88 -26.82
C LEU B 439 -6.89 6.04 -26.56
N LEU B 440 -7.74 5.63 -27.50
CA LEU B 440 -9.18 5.70 -27.27
C LEU B 440 -9.63 4.69 -26.22
N LYS B 441 -9.06 3.48 -26.23
CA LYS B 441 -9.38 2.51 -25.18
C LYS B 441 -8.92 3.03 -23.81
N GLN B 442 -7.74 3.66 -23.77
CA GLN B 442 -7.24 4.24 -22.54
C GLN B 442 -8.14 5.38 -22.08
N ALA B 443 -8.69 6.15 -23.02
CA ALA B 443 -9.56 7.27 -22.68
C ALA B 443 -10.89 6.77 -22.13
N LEU B 444 -11.44 5.72 -22.75
CA LEU B 444 -12.69 5.12 -22.27
C LEU B 444 -12.52 4.58 -20.87
N THR B 445 -11.34 4.04 -20.55
CA THR B 445 -11.12 3.56 -19.19
C THR B 445 -10.83 4.70 -18.23
N ILE B 446 -10.06 5.70 -18.67
CA ILE B 446 -9.45 6.70 -17.79
C ILE B 446 -10.20 8.02 -17.83
N VAL B 447 -10.45 8.58 -19.01
CA VAL B 447 -11.09 9.89 -19.11
C VAL B 447 -12.58 9.80 -18.78
N GLY B 448 -13.23 8.72 -19.20
CA GLY B 448 -14.66 8.57 -19.02
C GLY B 448 -15.10 8.38 -17.58
N THR B 449 -14.20 7.94 -16.70
CA THR B 449 -14.55 7.77 -15.30
C THR B 449 -14.41 9.05 -14.49
N LEU B 450 -13.84 10.10 -15.06
CA LEU B 450 -13.57 11.31 -14.31
C LEU B 450 -14.82 12.16 -14.07
N PRO B 451 -15.69 12.45 -15.08
CA PRO B 451 -16.93 13.17 -14.73
C PRO B 451 -17.84 12.39 -13.79
N PHE B 452 -17.88 11.06 -13.93
CA PHE B 452 -18.68 10.24 -13.02
C PHE B 452 -18.15 10.33 -11.60
N THR B 453 -16.83 10.24 -11.44
CA THR B 453 -16.22 10.30 -10.12
C THR B 453 -16.44 11.67 -9.48
N TYR B 454 -16.23 12.74 -10.25
CA TYR B 454 -16.40 14.10 -9.73
C TYR B 454 -17.84 14.37 -9.37
N MET B 455 -18.79 13.95 -10.22
CA MET B 455 -20.21 14.22 -9.96
C MET B 455 -20.68 13.43 -8.75
N LEU B 456 -20.22 12.19 -8.59
CA LEU B 456 -20.66 11.38 -7.45
C LEU B 456 -20.11 11.95 -6.16
N GLU B 457 -18.84 12.33 -6.13
CA GLU B 457 -18.28 12.89 -4.91
C GLU B 457 -18.87 14.26 -4.59
N LYS B 458 -19.19 15.06 -5.63
CA LYS B 458 -19.81 16.35 -5.40
C LYS B 458 -21.21 16.18 -4.83
N TRP B 459 -21.95 15.18 -5.32
CA TRP B 459 -23.28 14.89 -4.79
C TRP B 459 -23.20 14.44 -3.35
N ARG B 460 -22.25 13.55 -3.03
CA ARG B 460 -22.12 13.06 -1.66
C ARG B 460 -21.70 14.18 -0.72
N TRP B 461 -20.81 15.07 -1.18
CA TRP B 461 -20.38 16.18 -0.35
C TRP B 461 -21.53 17.13 -0.07
N MET B 462 -22.35 17.40 -1.08
CA MET B 462 -23.45 18.35 -0.85
C MET B 462 -24.59 17.71 -0.07
N VAL B 463 -24.75 16.39 -0.15
CA VAL B 463 -25.74 15.70 0.68
C VAL B 463 -25.29 15.70 2.14
N PHE B 464 -24.02 15.39 2.40
CA PHE B 464 -23.51 15.41 3.77
C PHE B 464 -23.49 16.82 4.35
N ARG B 465 -23.24 17.82 3.50
CA ARG B 465 -23.22 19.21 3.95
C ARG B 465 -24.61 19.73 4.25
N GLY B 466 -25.63 19.17 3.60
CA GLY B 466 -26.96 19.70 3.72
C GLY B 466 -27.27 20.76 2.69
N GLU B 467 -26.38 20.96 1.71
CA GLU B 467 -26.62 21.90 0.63
C GLU B 467 -27.75 21.41 -0.25
N ILE B 468 -27.88 20.09 -0.41
CA ILE B 468 -29.01 19.49 -1.11
C ILE B 468 -30.09 19.23 -0.07
N PRO B 469 -31.29 19.80 -0.23
CA PRO B 469 -32.41 19.48 0.68
C PRO B 469 -32.73 17.99 0.69
N LYS B 470 -33.27 17.55 1.84
CA LYS B 470 -33.47 16.12 2.08
C LYS B 470 -34.52 15.53 1.14
N GLU B 471 -35.55 16.30 0.81
CA GLU B 471 -36.64 15.82 -0.03
C GLU B 471 -36.40 16.09 -1.51
N GLN B 472 -35.26 16.69 -1.87
CA GLN B 472 -34.88 16.98 -3.24
C GLN B 472 -33.54 16.36 -3.58
N TRP B 473 -33.35 15.10 -3.19
CA TRP B 473 -32.10 14.40 -3.49
C TRP B 473 -32.01 14.02 -4.96
N MET B 474 -32.97 13.19 -5.41
CA MET B 474 -32.90 12.58 -6.74
C MET B 474 -32.97 13.63 -7.84
N LYS B 475 -33.82 14.64 -7.66
CA LYS B 475 -33.99 15.71 -8.63
C LYS B 475 -32.71 16.50 -8.79
N LYS B 476 -31.89 16.56 -7.74
CA LYS B 476 -30.61 17.21 -7.89
C LYS B 476 -29.63 16.35 -8.66
N TRP B 477 -29.59 15.04 -8.34
CA TRP B 477 -28.60 14.13 -8.92
C TRP B 477 -28.75 14.03 -10.43
N TRP B 478 -29.97 13.82 -10.90
CA TRP B 478 -30.20 13.72 -12.33
C TRP B 478 -30.03 15.05 -13.03
N GLU B 479 -29.99 16.17 -12.31
CA GLU B 479 -29.63 17.42 -12.95
C GLU B 479 -28.13 17.44 -13.22
N MET B 480 -27.34 17.03 -12.21
CA MET B 480 -25.90 17.14 -12.32
C MET B 480 -25.33 16.11 -13.30
N LYS B 481 -25.94 14.92 -13.38
CA LYS B 481 -25.54 13.97 -14.40
C LYS B 481 -25.90 14.49 -15.79
N ARG B 482 -26.90 15.35 -15.89
CA ARG B 482 -27.18 15.98 -17.16
C ARG B 482 -26.19 17.11 -17.42
N GLU B 483 -25.67 17.70 -16.34
CA GLU B 483 -24.82 18.88 -16.46
C GLU B 483 -23.34 18.52 -16.50
N ILE B 484 -22.89 17.68 -15.59
CA ILE B 484 -21.47 17.36 -15.48
C ILE B 484 -21.13 16.17 -16.37
N VAL B 485 -21.80 15.03 -16.14
CA VAL B 485 -21.43 13.81 -16.85
C VAL B 485 -21.98 13.86 -18.27
N GLY B 486 -23.07 14.59 -18.49
CA GLY B 486 -23.71 14.57 -19.79
C GLY B 486 -24.43 13.28 -20.05
N VAL B 487 -25.05 12.70 -19.02
CA VAL B 487 -25.76 11.43 -19.13
C VAL B 487 -27.16 11.64 -18.54
N VAL B 488 -28.17 11.31 -19.33
CA VAL B 488 -29.56 11.58 -18.97
C VAL B 488 -30.18 10.30 -18.42
N GLU B 489 -31.19 10.45 -17.58
CA GLU B 489 -31.92 9.30 -17.07
C GLU B 489 -32.80 8.75 -18.19
N PRO B 490 -32.98 7.44 -18.26
CA PRO B 490 -33.89 6.88 -19.26
C PRO B 490 -35.36 7.03 -18.88
N LEU B 491 -35.65 6.90 -17.59
CA LEU B 491 -36.99 7.05 -17.07
C LEU B 491 -36.99 8.06 -15.94
N PRO B 492 -38.06 8.83 -15.78
CA PRO B 492 -38.12 9.78 -14.67
C PRO B 492 -38.15 9.07 -13.33
N HIS B 493 -37.33 9.55 -12.40
CA HIS B 493 -37.24 8.99 -11.06
C HIS B 493 -37.68 10.03 -10.04
N ASP B 494 -38.53 9.63 -9.11
CA ASP B 494 -38.97 10.52 -8.05
C ASP B 494 -38.06 10.31 -6.84
N GLU B 495 -38.41 10.92 -5.71
CA GLU B 495 -37.51 10.92 -4.57
C GLU B 495 -37.61 9.67 -3.71
N THR B 496 -38.45 8.71 -4.08
CA THR B 496 -38.50 7.44 -3.37
C THR B 496 -37.39 6.49 -3.80
N TYR B 497 -36.70 6.81 -4.88
CA TYR B 497 -35.53 6.08 -5.35
C TYR B 497 -34.28 6.58 -4.63
N CYS B 498 -33.27 5.73 -4.56
CA CYS B 498 -31.94 6.13 -4.10
C CYS B 498 -30.96 5.59 -5.13
N ASP B 499 -30.82 6.34 -6.21
CA ASP B 499 -30.05 5.90 -7.37
C ASP B 499 -28.53 5.87 -7.16
N PRO B 500 -27.90 6.80 -6.41
CA PRO B 500 -26.47 6.61 -6.11
C PRO B 500 -26.17 5.34 -5.35
N ALA B 501 -27.02 4.98 -4.39
CA ALA B 501 -26.78 3.87 -3.44
C ALA B 501 -26.67 2.51 -4.10
N SER B 502 -27.01 2.39 -5.38
CA SER B 502 -26.82 1.15 -6.13
C SER B 502 -25.35 0.85 -6.40
N LEU B 503 -24.46 1.82 -6.20
CA LEU B 503 -23.03 1.63 -6.43
C LEU B 503 -22.39 1.01 -5.19
N PHE B 504 -21.33 0.23 -5.42
CA PHE B 504 -20.67 -0.52 -4.35
C PHE B 504 -19.99 0.40 -3.34
N HIS B 505 -19.34 1.46 -3.82
CA HIS B 505 -18.54 2.29 -2.93
C HIS B 505 -19.38 3.13 -1.99
N VAL B 506 -20.60 3.48 -2.39
CA VAL B 506 -21.41 4.37 -1.56
C VAL B 506 -22.32 3.59 -0.61
N SER B 507 -22.73 2.38 -0.96
CA SER B 507 -23.52 1.57 -0.05
C SER B 507 -22.65 0.89 1.00
N ASN B 508 -21.33 0.88 0.81
CA ASN B 508 -20.41 0.24 1.73
C ASN B 508 -19.43 1.21 2.38
N ASP B 509 -19.76 2.51 2.34
CA ASP B 509 -19.04 3.58 3.04
C ASP B 509 -17.58 3.68 2.60
N TYR B 510 -17.39 4.00 1.33
CA TYR B 510 -16.05 4.18 0.77
C TYR B 510 -15.93 5.54 0.11
N SER B 511 -14.76 6.18 0.32
CA SER B 511 -14.45 7.43 -0.36
C SER B 511 -14.23 7.19 -1.85
N PHE B 512 -14.67 8.13 -2.68
CA PHE B 512 -14.62 7.92 -4.12
C PHE B 512 -13.67 8.88 -4.85
N ILE B 513 -13.19 9.95 -4.20
CA ILE B 513 -12.36 10.94 -4.88
C ILE B 513 -10.94 10.43 -5.11
N ARG B 514 -10.58 9.29 -4.50
CA ARG B 514 -9.26 8.71 -4.65
C ARG B 514 -8.99 8.29 -6.08
N TYR B 515 -10.03 7.93 -6.83
CA TYR B 515 -9.85 7.51 -8.22
C TYR B 515 -9.53 8.71 -9.11
N TYR B 516 -10.18 9.85 -8.84
CA TYR B 516 -9.91 11.09 -9.56
C TYR B 516 -8.49 11.57 -9.29
N THR B 517 -8.11 11.60 -8.01
CA THR B 517 -6.75 12.03 -7.67
C THR B 517 -5.71 11.03 -8.19
N ARG B 518 -6.04 9.74 -8.19
CA ARG B 518 -5.16 8.71 -8.75
C ARG B 518 -4.91 8.96 -10.22
N THR B 519 -5.98 9.31 -10.95
CA THR B 519 -5.89 9.52 -12.39
C THR B 519 -5.02 10.73 -12.70
N ILE B 520 -5.12 11.79 -11.90
CA ILE B 520 -4.31 12.98 -12.15
C ILE B 520 -2.85 12.72 -11.79
N TYR B 521 -2.61 12.15 -10.59
CA TYR B 521 -1.25 11.89 -10.10
C TYR B 521 -0.51 10.91 -11.00
N GLN B 522 -1.24 10.00 -11.65
CA GLN B 522 -0.63 8.98 -12.50
C GLN B 522 0.09 9.62 -13.66
N PHE B 523 -0.58 10.52 -14.37
CA PHE B 523 0.04 11.14 -15.54
C PHE B 523 1.04 12.21 -15.13
N GLN B 524 0.85 12.83 -13.96
CA GLN B 524 1.86 13.75 -13.45
C GLN B 524 3.17 13.03 -13.17
N PHE B 525 3.09 11.88 -12.49
CA PHE B 525 4.25 11.05 -12.21
C PHE B 525 4.89 10.56 -13.51
N GLN B 526 4.06 10.18 -14.49
CA GLN B 526 4.59 9.66 -15.74
C GLN B 526 5.35 10.72 -16.51
N GLU B 527 4.83 11.96 -16.56
CA GLU B 527 5.56 13.01 -17.26
C GLU B 527 6.84 13.36 -16.53
N ALA B 528 6.81 13.36 -15.19
CA ALA B 528 8.02 13.67 -14.42
C ALA B 528 9.11 12.62 -14.66
N LEU B 529 8.73 11.34 -14.62
CA LEU B 529 9.71 10.27 -14.87
C LEU B 529 10.19 10.25 -16.31
N CYS B 530 9.33 10.59 -17.28
CA CYS B 530 9.77 10.63 -18.66
C CYS B 530 10.68 11.82 -18.95
N GLN B 531 10.46 12.95 -18.26
CA GLN B 531 11.43 14.04 -18.35
C GLN B 531 12.74 13.66 -17.67
N ALA B 532 12.64 12.88 -16.59
CA ALA B 532 13.83 12.40 -15.89
C ALA B 532 14.61 11.44 -16.77
N ALA B 533 13.92 10.60 -17.55
CA ALA B 533 14.57 9.61 -18.39
C ALA B 533 15.02 10.16 -19.73
N LYS B 534 14.77 11.45 -19.98
CA LYS B 534 15.14 12.16 -21.22
C LYS B 534 14.51 11.49 -22.45
N TYR B 535 13.19 11.36 -22.40
CA TYR B 535 12.44 10.84 -23.53
C TYR B 535 11.99 12.02 -24.39
N ASN B 536 12.13 11.88 -25.71
CA ASN B 536 11.89 12.99 -26.60
C ASN B 536 10.65 12.83 -27.47
N GLY B 537 9.78 11.87 -27.16
CA GLY B 537 8.64 11.63 -28.01
C GLY B 537 7.30 11.89 -27.35
N SER B 538 6.24 11.34 -27.93
CA SER B 538 4.91 11.45 -27.36
C SER B 538 4.86 10.71 -26.03
N LEU B 539 4.05 11.23 -25.10
CA LEU B 539 4.08 10.74 -23.73
C LEU B 539 3.52 9.33 -23.61
N HIS B 540 2.60 8.95 -24.50
CA HIS B 540 1.97 7.65 -24.39
C HIS B 540 2.88 6.51 -24.86
N LYS B 541 3.94 6.82 -25.60
CA LYS B 541 4.90 5.83 -26.05
C LYS B 541 6.10 5.72 -25.12
N CYS B 542 6.09 6.41 -23.98
CA CYS B 542 7.26 6.51 -23.13
C CYS B 542 7.44 5.28 -22.26
N ASP B 543 8.68 4.83 -22.17
CA ASP B 543 9.07 3.71 -21.31
C ASP B 543 10.17 4.19 -20.38
N ILE B 544 10.08 3.82 -19.11
CA ILE B 544 11.07 4.26 -18.13
C ILE B 544 12.08 3.16 -17.83
N SER B 545 12.14 2.11 -18.67
CA SER B 545 13.10 1.05 -18.45
C SER B 545 14.51 1.61 -18.68
N ASN B 546 15.46 1.14 -17.86
CA ASN B 546 16.88 1.50 -17.96
C ASN B 546 17.02 3.01 -17.83
N SER B 547 16.61 3.52 -16.68
CA SER B 547 16.70 4.93 -16.37
C SER B 547 16.86 5.18 -14.88
N THR B 548 17.98 4.72 -14.31
CA THR B 548 18.26 4.77 -12.87
C THR B 548 17.94 6.13 -12.22
N GLU B 549 18.10 7.23 -12.97
CA GLU B 549 17.87 8.54 -12.39
C GLU B 549 16.38 8.77 -12.16
N ALA B 550 15.54 8.26 -13.06
CA ALA B 550 14.08 8.28 -12.88
C ALA B 550 13.67 7.41 -11.71
N GLY B 551 14.32 6.26 -11.53
CA GLY B 551 14.06 5.42 -10.38
C GLY B 551 14.44 6.09 -9.07
N GLN B 552 15.54 6.86 -9.08
CA GLN B 552 15.91 7.59 -7.86
C GLN B 552 14.94 8.73 -7.59
N LYS B 553 14.47 9.38 -8.67
CA LYS B 553 13.53 10.48 -8.56
C LYS B 553 12.22 9.99 -7.97
N LEU B 554 11.83 8.78 -8.36
CA LEU B 554 10.62 8.15 -7.83
C LEU B 554 10.85 7.71 -6.39
N LEU B 555 11.98 7.06 -6.12
CA LEU B 555 12.27 6.47 -4.82
C LEU B 555 12.44 7.51 -3.73
N LYS B 556 12.74 8.77 -4.09
CA LYS B 556 12.75 9.84 -3.10
C LYS B 556 11.36 10.04 -2.51
N MET B 557 10.33 9.94 -3.35
CA MET B 557 8.95 10.05 -2.88
C MET B 557 8.50 8.77 -2.21
N LEU B 558 8.87 7.62 -2.78
CA LEU B 558 8.50 6.32 -2.22
C LEU B 558 9.09 6.10 -0.84
N SER B 559 10.26 6.66 -0.54
CA SER B 559 10.88 6.40 0.75
C SER B 559 10.22 7.22 1.86
N LEU B 560 9.42 8.21 1.50
CA LEU B 560 8.87 9.13 2.49
C LEU B 560 7.68 8.55 3.23
N GLY B 561 6.79 7.86 2.52
CA GLY B 561 5.56 7.44 3.16
C GLY B 561 4.70 8.67 3.38
N ASN B 562 3.97 8.69 4.49
CA ASN B 562 3.25 9.90 4.87
C ASN B 562 3.98 10.64 5.99
N SER B 563 5.30 10.55 6.00
CA SER B 563 6.09 11.29 6.98
C SER B 563 6.06 12.78 6.70
N GLU B 564 5.98 13.15 5.44
CA GLU B 564 5.95 14.52 4.99
C GLU B 564 4.57 14.80 4.41
N PRO B 565 4.17 16.08 4.29
CA PRO B 565 2.94 16.40 3.58
C PRO B 565 2.99 15.92 2.13
N TRP B 566 1.81 15.55 1.61
CA TRP B 566 1.76 14.99 0.27
C TRP B 566 2.12 16.01 -0.81
N THR B 567 2.00 17.30 -0.51
CA THR B 567 2.43 18.33 -1.44
C THR B 567 3.95 18.31 -1.60
N LYS B 568 4.68 18.01 -0.52
CA LYS B 568 6.13 17.93 -0.59
C LYS B 568 6.58 16.71 -1.39
N ALA B 569 5.90 15.58 -1.22
CA ALA B 569 6.21 14.39 -2.00
C ALA B 569 5.87 14.60 -3.48
N LEU B 570 4.75 15.26 -3.74
CA LEU B 570 4.39 15.59 -5.11
C LEU B 570 5.41 16.54 -5.74
N GLU B 571 5.94 17.49 -4.95
CA GLU B 571 6.98 18.37 -5.48
C GLU B 571 8.28 17.60 -5.70
N ASN B 572 8.52 16.58 -4.87
CA ASN B 572 9.72 15.76 -5.01
C ASN B 572 9.69 14.98 -6.32
N VAL B 573 8.50 14.57 -6.78
CA VAL B 573 8.45 13.92 -8.09
C VAL B 573 8.30 14.92 -9.24
N VAL B 574 7.22 15.70 -9.26
CA VAL B 574 6.90 16.47 -10.45
C VAL B 574 7.34 17.93 -10.38
N GLY B 575 7.77 18.41 -9.22
CA GLY B 575 8.11 19.81 -9.11
C GLY B 575 6.92 20.73 -8.95
N ALA B 576 5.75 20.20 -8.60
CA ALA B 576 4.55 20.99 -8.39
C ALA B 576 3.90 20.55 -7.09
N ARG B 577 3.11 21.44 -6.50
CA ARG B 577 2.54 21.19 -5.18
C ARG B 577 1.03 20.98 -5.23
N ASN B 578 0.48 20.67 -6.40
CA ASN B 578 -0.96 20.54 -6.53
C ASN B 578 -1.27 19.65 -7.73
N MET B 579 -2.53 19.31 -7.89
CA MET B 579 -2.94 18.48 -9.00
C MET B 579 -2.86 19.28 -10.30
N ASP B 580 -2.29 18.65 -11.33
CA ASP B 580 -2.16 19.27 -12.64
C ASP B 580 -2.62 18.27 -13.68
N VAL B 581 -3.47 18.71 -14.60
CA VAL B 581 -3.98 17.84 -15.65
C VAL B 581 -3.37 18.14 -17.00
N LYS B 582 -2.38 19.04 -17.04
CA LYS B 582 -1.62 19.21 -18.27
C LYS B 582 -0.87 17.93 -18.67
N PRO B 583 -0.27 17.13 -17.75
CA PRO B 583 0.22 15.81 -18.19
C PRO B 583 -0.85 14.89 -18.74
N LEU B 584 -2.06 14.90 -18.18
CA LEU B 584 -3.13 14.05 -18.68
C LEU B 584 -3.55 14.47 -20.07
N LEU B 585 -3.62 15.78 -20.34
CA LEU B 585 -3.99 16.22 -21.67
C LEU B 585 -2.84 16.03 -22.64
N ASN B 586 -1.61 16.03 -22.14
CA ASN B 586 -0.45 15.79 -22.99
C ASN B 586 -0.36 14.33 -23.38
N TYR B 587 -0.80 13.43 -22.49
CA TYR B 587 -0.86 12.01 -22.80
C TYR B 587 -1.87 11.72 -23.88
N PHE B 588 -3.03 12.35 -23.83
CA PHE B 588 -4.12 12.08 -24.75
C PHE B 588 -4.17 13.08 -25.89
N GLN B 589 -3.06 13.77 -26.15
CA GLN B 589 -2.99 14.79 -27.20
C GLN B 589 -3.18 14.25 -28.62
N PRO B 590 -2.58 13.11 -29.04
CA PRO B 590 -2.87 12.62 -30.40
C PRO B 590 -4.33 12.25 -30.56
N LEU B 591 -4.92 11.66 -29.52
CA LEU B 591 -6.31 11.28 -29.55
C LEU B 591 -7.20 12.52 -29.55
N PHE B 592 -6.80 13.56 -28.82
CA PHE B 592 -7.58 14.78 -28.78
C PHE B 592 -7.57 15.48 -30.14
N ASP B 593 -6.42 15.45 -30.82
CA ASP B 593 -6.33 16.02 -32.16
C ASP B 593 -7.18 15.21 -33.14
N TRP B 594 -7.17 13.88 -33.00
CA TRP B 594 -7.95 13.02 -33.87
C TRP B 594 -9.44 13.23 -33.65
N LEU B 595 -9.85 13.37 -32.38
CA LEU B 595 -11.25 13.58 -32.05
C LEU B 595 -11.72 14.95 -32.50
N LYS B 596 -10.84 15.95 -32.47
CA LYS B 596 -11.18 17.25 -33.03
C LYS B 596 -11.34 17.17 -34.54
N GLU B 597 -10.55 16.31 -35.19
CA GLU B 597 -10.62 16.23 -36.65
C GLU B 597 -11.90 15.52 -37.11
N GLN B 598 -12.45 14.63 -36.29
CA GLN B 598 -13.67 13.91 -36.64
C GLN B 598 -14.90 14.40 -35.88
N ASN B 599 -14.87 15.63 -35.37
CA ASN B 599 -16.05 16.23 -34.76
C ASN B 599 -16.35 17.57 -35.41
N ARG B 600 -15.90 17.77 -36.65
CA ARG B 600 -16.08 19.05 -37.32
C ARG B 600 -17.54 19.25 -37.72
N ASN B 601 -18.16 18.22 -38.28
CA ASN B 601 -19.53 18.36 -38.76
C ASN B 601 -20.53 18.21 -37.62
N SER B 602 -20.18 17.44 -36.59
CA SER B 602 -21.12 17.13 -35.52
C SER B 602 -21.14 18.26 -34.49
N PHE B 603 -22.01 18.12 -33.49
CA PHE B 603 -22.14 19.09 -32.42
C PHE B 603 -21.43 18.56 -31.18
N VAL B 604 -20.43 19.30 -30.71
CA VAL B 604 -19.70 18.93 -29.50
C VAL B 604 -20.43 19.57 -28.32
N GLY B 605 -20.80 18.76 -27.35
CA GLY B 605 -21.57 19.23 -26.21
C GLY B 605 -22.93 18.57 -26.14
N TRP B 606 -23.60 18.78 -25.01
CA TRP B 606 -24.90 18.18 -24.77
C TRP B 606 -25.87 19.23 -24.27
N ASN B 607 -27.15 18.94 -24.43
CA ASN B 607 -28.22 19.83 -24.00
C ASN B 607 -28.87 19.22 -22.77
N THR B 608 -29.16 20.06 -21.77
CA THR B 608 -29.63 19.56 -20.49
C THR B 608 -31.00 18.92 -20.55
N GLU B 609 -31.91 19.44 -21.38
CA GLU B 609 -33.26 18.90 -21.46
C GLU B 609 -33.23 17.51 -22.11
N TRP B 610 -34.19 16.67 -21.73
CA TRP B 610 -34.18 15.28 -22.15
C TRP B 610 -34.46 15.18 -23.64
N SER B 611 -33.43 14.88 -24.39
CA SER B 611 -33.56 14.65 -25.81
C SER B 611 -33.40 13.17 -26.08
N PRO B 612 -34.26 12.57 -26.92
CA PRO B 612 -34.29 11.12 -27.14
C PRO B 612 -33.02 10.57 -27.79
#